data_8K0M
#
_entry.id   8K0M
#
_cell.length_a   1.00
_cell.length_b   1.00
_cell.length_c   1.00
_cell.angle_alpha   90.00
_cell.angle_beta   90.00
_cell.angle_gamma   90.00
#
_symmetry.space_group_name_H-M   'P 1'
#
loop_
_entity.id
_entity.type
_entity.pdbx_description
1 polymer 'Prolyl 3-hydroxylase 1'
2 polymer 'Cartilage-associated protein'
3 polymer 'Peptidyl-prolyl cis-trans isomerase B'
4 non-polymer 2-acetamido-2-deoxy-beta-D-glucopyranose
5 non-polymer 'FE (III) ION'
6 non-polymer '2-OXOGLUTARIC ACID'
#
loop_
_entity_poly.entity_id
_entity_poly.type
_entity_poly.pdbx_seq_one_letter_code
_entity_poly.pdbx_strand_id
1 'polypeptide(L)'
;MAVRALKLLTTLLAVVAAASQAEVESEAGWGMVTPDLLFAEGTAAYARGDWPGVVLSMERALRSRAALRALRLRCRTQCA
ADFPWELDPDWSPSPAQASGAAALRDLSFFGGLLRRAACLRRCLGPPAAHSLSEEMELEFRKRSPYNYLQVAYFKINKLE
KAVAAAHTFFVGNPEHMEMQQNLDYYQTMSGVKEADFKDLETQPHMQEFRLGVRLYSEEQPQEAVPHLEAALQEYFVAYE
ECRALCEGPYDYDGYNYLEYNADLFQAITDHYIQVLNCKQNCVTELASHPSREKPFEDFLPSHYNYLQFAYYNIGNYTQA
VECAKTYLLFFPNDEVMNQNLAYYAAMLGEEHTRSIGPRESAKEYRQRSLLEKELLFFAYDVFGIPFVDPDSWTPEEVIP
KRLQEKQKSERETAVRISQEIGNLMKEIETLVEEKTKESLDVSRLTREGGPLLYEGISLTMNSKLLNGSQRVVMDGVISD
HECQELQRLTNVAATSGDGYRGQTSPHTPNEKFYGVTVFKALKLGQEGKVPLQSAHLYYNVTEKVRRIMESYFRLDTPLY
FSYSHLVCRTAIEEVQAERKDDSHPVHVDNCILNAETLVCVKEPPAYTFRDYSAILYLNGDFDGGNFYFTELDAKTVTAE
VQPQCGRAVGFSSGTENPHGVKAVTRGQRCAIALWFTLDPRHSERDRVQADDLVKMLFSPEEMDLSQEQPLDAQQGPPEP
AQESLSGSESKPKDEL
;
A
2 'polypeptide(L)'
;MEPGRRGAAALLALLCVACALRAGRAQYERYSFRSFPRDELMPLESAYRHALDKYSGEHWAESVGYLEISLRLHRLLRDS
EAFCHRNCSAAPQPEPAAGLASYPELRLFGGLLRRAHCLKRCKQGLPAFRQSQPSREVLADFQRREPYKFLQFAYFKANN
LPKAIAAAHTFLLKHPDDEMMKRNMAYYKSLPGAEDYIKDLETKSYESLFIRAVRAYNGENWRTSITDMELALPDFFKAF
YECLAACEGSREIKDFKDFYLSIADHYVEVLECKIQCEENLTPVIGGYPVEKFVATMYHYLQFAYYKLNDLKNAAPCAVS
YLLFDQNDKVMQQNLVYYQYHRDTWGLSDEHFQPRPEAVQFFNVTTLQKELYDFAKENIMDDDEGEVVEYVDDLLELEET
SAAALEVLFQGPSAWSHPQFEKGGGSGGGSGGSAWSHPQFEK
;
B
3 'polypeptide(L)'
;MLRLSERNMKVLLAAALIAGSVFFLLLPGPSAADEKKKGPKVTVKVYFDLRIGDEDVGRVIFGLFGKTVPKTVDNFVALA
TGEKGFGYKNSKFHRVIKDFMIQGGDFTRGDGTGGKSIYGERFPDENFKLKHYGPGWVSMANAGKDTNGSQFFITTVKTA
WLDGKHVVFGKVLEGMEVVRKVESTKTDSRDKPLKDVIIADCGKIEVEKPFAIAKEAAAENLYFQGDYKDHDGDYKDHDI
DYKDDDDKHHHHHHHH
;
C
#
# COMPACT_ATOMS: atom_id res chain seq x y z
N GLY A 31 -25.22 -13.47 -3.81
CA GLY A 31 -25.74 -13.78 -2.48
C GLY A 31 -26.50 -12.62 -1.86
N MET A 32 -25.90 -11.99 -0.87
CA MET A 32 -26.51 -10.86 -0.19
C MET A 32 -26.11 -9.57 -0.89
N VAL A 33 -27.10 -8.76 -1.27
CA VAL A 33 -26.83 -7.52 -1.97
C VAL A 33 -26.09 -6.54 -1.06
N THR A 34 -25.39 -5.60 -1.66
CA THR A 34 -24.58 -4.66 -0.91
C THR A 34 -25.46 -3.80 -0.01
N PRO A 35 -25.04 -3.51 1.22
CA PRO A 35 -25.87 -2.67 2.10
C PRO A 35 -26.11 -1.26 1.58
N ASP A 36 -25.17 -0.69 0.83
CA ASP A 36 -25.31 0.71 0.43
C ASP A 36 -26.45 0.90 -0.57
N LEU A 37 -26.65 -0.08 -1.46
CA LEU A 37 -27.77 0.00 -2.39
C LEU A 37 -29.10 -0.03 -1.66
N LEU A 38 -29.23 -0.91 -0.66
CA LEU A 38 -30.45 -0.97 0.12
C LEU A 38 -30.66 0.31 0.93
N PHE A 39 -29.59 0.87 1.47
CA PHE A 39 -29.71 2.13 2.20
C PHE A 39 -30.16 3.25 1.27
N ALA A 40 -29.64 3.30 0.04
CA ALA A 40 -30.08 4.30 -0.91
C ALA A 40 -31.55 4.13 -1.25
N GLU A 41 -31.99 2.89 -1.46
CA GLU A 41 -33.41 2.65 -1.73
C GLU A 41 -34.27 3.12 -0.57
N GLY A 42 -33.86 2.81 0.67
CA GLY A 42 -34.63 3.23 1.83
C GLY A 42 -34.69 4.74 1.98
N THR A 43 -33.56 5.41 1.73
CA THR A 43 -33.54 6.87 1.80
C THR A 43 -34.47 7.48 0.76
N ALA A 44 -34.46 6.93 -0.46
CA ALA A 44 -35.37 7.44 -1.49
C ALA A 44 -36.82 7.22 -1.09
N ALA A 45 -37.13 6.04 -0.54
CA ALA A 45 -38.50 5.77 -0.12
C ALA A 45 -38.94 6.72 0.99
N TYR A 46 -38.02 7.02 1.92
CA TYR A 46 -38.33 7.99 2.96
C TYR A 46 -38.58 9.37 2.38
N ALA A 47 -37.79 9.76 1.38
CA ALA A 47 -37.98 11.05 0.74
C ALA A 47 -39.34 11.13 0.06
N ARG A 48 -39.74 10.09 -0.67
CA ARG A 48 -41.04 10.10 -1.32
C ARG A 48 -42.18 10.06 -0.30
N GLY A 49 -42.03 9.24 0.75
CA GLY A 49 -43.07 9.10 1.74
C GLY A 49 -43.75 7.74 1.71
N ASP A 50 -42.98 6.70 1.42
CA ASP A 50 -43.48 5.33 1.33
C ASP A 50 -42.96 4.57 2.54
N TRP A 51 -43.75 4.58 3.62
CA TRP A 51 -43.30 4.00 4.89
C TRP A 51 -43.04 2.51 4.81
N PRO A 52 -43.90 1.66 4.22
CA PRO A 52 -43.52 0.25 4.07
C PRO A 52 -42.22 0.06 3.31
N GLY A 53 -41.99 0.88 2.28
CA GLY A 53 -40.76 0.77 1.53
C GLY A 53 -39.53 1.04 2.38
N VAL A 54 -39.56 2.12 3.17
CA VAL A 54 -38.39 2.47 3.95
C VAL A 54 -38.16 1.44 5.06
N VAL A 55 -39.23 0.98 5.73
CA VAL A 55 -39.00 0.01 6.79
C VAL A 55 -38.42 -1.28 6.22
N LEU A 56 -38.98 -1.77 5.09
CA LEU A 56 -38.48 -3.00 4.49
C LEU A 56 -37.02 -2.86 4.05
N SER A 57 -36.70 -1.75 3.38
CA SER A 57 -35.34 -1.57 2.87
C SER A 57 -34.33 -1.44 4.00
N MET A 58 -34.66 -0.68 5.05
CA MET A 58 -33.72 -0.51 6.15
C MET A 58 -33.51 -1.82 6.89
N GLU A 59 -34.57 -2.60 7.12
CA GLU A 59 -34.39 -3.89 7.77
C GLU A 59 -33.52 -4.82 6.93
N ARG A 60 -33.74 -4.83 5.61
CA ARG A 60 -32.93 -5.68 4.74
C ARG A 60 -31.46 -5.28 4.77
N ALA A 61 -31.19 -3.97 4.77
CA ALA A 61 -29.81 -3.50 4.84
C ALA A 61 -29.14 -3.93 6.15
N LEU A 62 -29.86 -3.75 7.26
CA LEU A 62 -29.29 -4.12 8.55
C LEU A 62 -29.00 -5.62 8.62
N ARG A 63 -29.87 -6.44 8.06
CA ARG A 63 -29.62 -7.88 8.05
C ARG A 63 -28.43 -8.24 7.15
N SER A 64 -28.34 -7.60 5.98
CA SER A 64 -27.31 -7.98 5.02
C SER A 64 -25.91 -7.62 5.54
N ARG A 65 -25.78 -6.49 6.24
CA ARG A 65 -24.47 -6.13 6.77
C ARG A 65 -23.96 -7.19 7.74
N ALA A 66 -24.81 -7.62 8.67
CA ALA A 66 -24.41 -8.64 9.64
C ALA A 66 -24.14 -9.98 8.94
N ALA A 67 -24.93 -10.31 7.92
CA ALA A 67 -24.68 -11.55 7.18
C ALA A 67 -23.30 -11.56 6.53
N LEU A 68 -22.92 -10.45 5.89
CA LEU A 68 -21.61 -10.36 5.26
C LEU A 68 -20.49 -10.44 6.30
N ARG A 69 -20.66 -9.75 7.42
CA ARG A 69 -19.63 -9.81 8.47
C ARG A 69 -19.45 -11.23 9.00
N ALA A 70 -20.56 -11.93 9.24
CA ALA A 70 -20.47 -13.31 9.72
C ALA A 70 -19.82 -14.22 8.68
N LEU A 71 -20.13 -14.01 7.40
CA LEU A 71 -19.52 -14.82 6.35
C LEU A 71 -18.00 -14.63 6.32
N ARG A 72 -17.55 -13.37 6.40
CA ARG A 72 -16.11 -13.12 6.41
C ARG A 72 -15.44 -13.79 7.60
N LEU A 73 -16.04 -13.64 8.78
CA LEU A 73 -15.44 -14.23 9.98
C LEU A 73 -15.36 -15.74 9.87
N ARG A 74 -16.44 -16.37 9.40
CA ARG A 74 -16.45 -17.83 9.27
C ARG A 74 -15.40 -18.31 8.29
N CYS A 75 -15.32 -17.68 7.11
CA CYS A 75 -14.34 -18.12 6.11
C CYS A 75 -12.92 -17.97 6.64
N ARG A 76 -12.60 -16.83 7.25
CA ARG A 76 -11.23 -16.63 7.72
C ARG A 76 -10.87 -17.62 8.82
N THR A 77 -11.77 -17.83 9.78
CA THR A 77 -11.48 -18.76 10.87
C THR A 77 -11.30 -20.18 10.34
N GLN A 78 -12.18 -20.62 9.44
CA GLN A 78 -12.08 -21.99 8.94
C GLN A 78 -10.84 -22.20 8.09
N CYS A 79 -10.48 -21.20 7.25
CA CYS A 79 -9.29 -21.35 6.43
C CYS A 79 -8.02 -21.29 7.27
N ALA A 80 -8.04 -20.58 8.40
CA ALA A 80 -6.89 -20.63 9.29
C ALA A 80 -6.81 -21.94 10.05
N ALA A 81 -7.95 -22.54 10.38
CA ALA A 81 -7.93 -23.80 11.11
C ALA A 81 -7.59 -24.98 10.21
N ASP A 82 -7.86 -24.86 8.90
CA ASP A 82 -7.63 -26.00 8.01
C ASP A 82 -6.16 -26.20 7.69
N PHE A 83 -5.38 -25.13 7.58
CA PHE A 83 -4.00 -25.18 7.11
C PHE A 83 -3.08 -24.49 8.10
N PRO A 84 -2.68 -25.19 9.17
CA PRO A 84 -1.76 -24.59 10.14
C PRO A 84 -0.37 -24.38 9.55
N TRP A 85 0.33 -23.37 10.07
CA TRP A 85 1.65 -23.03 9.56
C TRP A 85 2.65 -24.16 9.77
N GLU A 86 2.59 -24.79 10.95
CA GLU A 86 3.30 -26.04 11.27
C GLU A 86 4.80 -25.83 11.44
N LEU A 87 5.31 -24.64 11.06
CA LEU A 87 6.69 -24.24 11.32
C LEU A 87 7.72 -25.11 10.59
N ASP A 88 8.88 -24.54 10.29
CA ASP A 88 9.95 -25.32 9.69
C ASP A 88 10.58 -26.24 10.73
N PRO A 89 11.17 -27.36 10.29
CA PRO A 89 11.89 -28.25 11.23
C PRO A 89 13.19 -27.66 11.71
N ASP A 90 13.98 -28.46 12.43
CA ASP A 90 15.26 -27.98 12.97
C ASP A 90 16.14 -27.40 11.87
N TRP A 91 16.58 -28.25 10.94
CA TRP A 91 17.25 -27.83 9.70
C TRP A 91 18.42 -26.87 9.99
N SER A 92 19.46 -27.43 10.59
CA SER A 92 20.68 -26.68 10.79
C SER A 92 21.20 -26.18 9.44
N PRO A 93 21.78 -24.98 9.39
CA PRO A 93 22.09 -24.38 8.07
C PRO A 93 23.14 -25.13 7.28
N SER A 94 24.28 -25.47 7.90
CA SER A 94 25.40 -26.18 7.31
C SER A 94 26.14 -25.31 6.31
N PRO A 95 27.47 -25.41 6.23
CA PRO A 95 28.23 -24.58 5.28
C PRO A 95 28.40 -25.26 3.93
N ALA A 96 28.71 -24.43 2.93
CA ALA A 96 28.89 -24.82 1.54
C ALA A 96 27.62 -25.39 0.91
N GLN A 97 26.51 -25.42 1.65
CA GLN A 97 25.23 -25.85 1.13
C GLN A 97 24.13 -24.85 1.47
N ALA A 98 24.49 -23.61 1.77
CA ALA A 98 23.56 -22.61 2.30
C ALA A 98 22.84 -21.84 1.20
N SER A 99 23.06 -22.18 -0.07
CA SER A 99 22.36 -21.54 -1.17
C SER A 99 21.03 -22.20 -1.50
N GLY A 100 20.99 -23.53 -1.50
CA GLY A 100 19.77 -24.24 -1.81
C GLY A 100 18.82 -24.38 -0.63
N ALA A 101 19.37 -24.35 0.59
CA ALA A 101 18.53 -24.47 1.78
C ALA A 101 17.60 -23.27 1.92
N ALA A 102 18.10 -22.06 1.62
CA ALA A 102 17.26 -20.89 1.66
C ALA A 102 16.13 -20.97 0.63
N ALA A 103 16.44 -21.46 -0.57
CA ALA A 103 15.42 -21.62 -1.59
C ALA A 103 14.37 -22.63 -1.15
N LEU A 104 14.79 -23.74 -0.54
CA LEU A 104 13.84 -24.73 -0.06
C LEU A 104 12.93 -24.16 1.03
N ARG A 105 13.51 -23.41 1.96
CA ARG A 105 12.71 -22.80 3.02
C ARG A 105 11.70 -21.80 2.47
N ASP A 106 12.14 -20.96 1.53
CA ASP A 106 11.22 -20.01 0.90
C ASP A 106 10.11 -20.73 0.16
N LEU A 107 10.44 -21.82 -0.53
CA LEU A 107 9.43 -22.58 -1.26
C LEU A 107 8.40 -23.17 -0.32
N SER A 108 8.84 -23.70 0.82
CA SER A 108 7.89 -24.24 1.80
C SER A 108 6.96 -23.14 2.31
N PHE A 109 7.53 -21.99 2.69
CA PHE A 109 6.71 -20.90 3.21
C PHE A 109 5.68 -20.45 2.19
N PHE A 110 6.10 -20.25 0.94
CA PHE A 110 5.17 -19.72 -0.06
C PHE A 110 4.19 -20.78 -0.54
N GLY A 111 4.54 -22.06 -0.44
CA GLY A 111 3.56 -23.10 -0.72
C GLY A 111 2.45 -23.12 0.31
N GLY A 112 2.80 -23.02 1.59
CA GLY A 112 1.76 -22.89 2.61
C GLY A 112 0.91 -21.65 2.39
N LEU A 113 1.54 -20.53 2.05
CA LEU A 113 0.80 -19.31 1.78
C LEU A 113 -0.19 -19.50 0.62
N LEU A 114 0.26 -20.13 -0.46
CA LEU A 114 -0.61 -20.33 -1.61
C LEU A 114 -1.78 -21.26 -1.27
N ARG A 115 -1.54 -22.29 -0.46
CA ARG A 115 -2.63 -23.17 -0.04
C ARG A 115 -3.69 -22.39 0.74
N ARG A 116 -3.25 -21.57 1.70
CA ARG A 116 -4.21 -20.78 2.48
C ARG A 116 -4.97 -19.80 1.58
N ALA A 117 -4.27 -19.15 0.64
CA ALA A 117 -4.93 -18.20 -0.25
C ALA A 117 -5.96 -18.89 -1.12
N ALA A 118 -5.65 -20.10 -1.61
CA ALA A 118 -6.62 -20.84 -2.40
C ALA A 118 -7.85 -21.18 -1.58
N CYS A 119 -7.66 -21.60 -0.32
CA CYS A 119 -8.81 -21.92 0.52
C CYS A 119 -9.70 -20.70 0.71
N LEU A 120 -9.08 -19.53 0.98
CA LEU A 120 -9.85 -18.31 1.17
C LEU A 120 -10.59 -17.91 -0.10
N ARG A 121 -9.93 -18.03 -1.25
CA ARG A 121 -10.57 -17.68 -2.52
C ARG A 121 -11.77 -18.58 -2.79
N ARG A 122 -11.65 -19.87 -2.47
CA ARG A 122 -12.80 -20.76 -2.63
C ARG A 122 -13.93 -20.39 -1.67
N CYS A 123 -13.60 -20.08 -0.41
CA CYS A 123 -14.64 -19.86 0.59
C CYS A 123 -15.40 -18.55 0.34
N LEU A 124 -14.67 -17.45 0.12
CA LEU A 124 -15.30 -16.13 0.16
C LEU A 124 -16.29 -15.94 -0.98
N GLY A 125 -15.87 -16.18 -2.22
CA GLY A 125 -16.72 -15.97 -3.36
C GLY A 125 -16.51 -14.61 -4.00
N PRO A 126 -17.59 -13.98 -4.44
CA PRO A 126 -17.49 -12.65 -5.06
C PRO A 126 -16.97 -11.63 -4.06
N PRO A 127 -15.94 -10.86 -4.44
CA PRO A 127 -15.32 -9.92 -3.50
C PRO A 127 -15.84 -8.49 -3.57
N ALA A 128 -16.70 -8.16 -4.53
CA ALA A 128 -17.15 -6.79 -4.71
C ALA A 128 -18.15 -6.34 -3.65
N ALA A 129 -18.79 -7.28 -2.95
CA ALA A 129 -19.84 -6.94 -2.00
C ALA A 129 -19.32 -6.54 -0.62
N HIS A 130 -18.03 -6.76 -0.34
CA HIS A 130 -17.50 -6.54 0.99
C HIS A 130 -16.89 -5.17 1.19
N SER A 131 -16.94 -4.28 0.19
CA SER A 131 -16.33 -2.97 0.26
C SER A 131 -17.38 -1.88 0.08
N LEU A 132 -17.28 -0.82 0.88
CA LEU A 132 -18.20 0.30 0.78
C LEU A 132 -17.47 1.57 1.21
N SER A 133 -18.04 2.70 0.81
CA SER A 133 -17.37 3.99 1.01
C SER A 133 -17.35 4.38 2.48
N GLU A 134 -16.56 5.42 2.79
CA GLU A 134 -16.42 5.86 4.16
C GLU A 134 -17.69 6.55 4.66
N GLU A 135 -18.43 7.23 3.78
CA GLU A 135 -19.68 7.85 4.19
C GLU A 135 -20.69 6.80 4.65
N MET A 136 -20.77 5.69 3.93
CA MET A 136 -21.71 4.64 4.32
C MET A 136 -21.31 4.02 5.66
N GLU A 137 -20.01 3.78 5.87
CA GLU A 137 -19.56 3.25 7.14
C GLU A 137 -19.85 4.21 8.29
N LEU A 138 -19.66 5.51 8.06
CA LEU A 138 -19.98 6.49 9.09
C LEU A 138 -21.47 6.52 9.38
N GLU A 139 -22.31 6.40 8.34
CA GLU A 139 -23.75 6.38 8.56
C GLU A 139 -24.17 5.14 9.34
N PHE A 140 -23.53 4.01 9.07
CA PHE A 140 -23.85 2.80 9.83
C PHE A 140 -23.32 2.87 11.26
N ARG A 141 -22.24 3.62 11.47
CA ARG A 141 -21.69 3.78 12.81
C ARG A 141 -22.55 4.71 13.66
N LYS A 142 -23.13 5.74 13.03
CA LYS A 142 -23.96 6.71 13.76
C LYS A 142 -25.39 6.24 13.96
N ARG A 143 -25.75 5.06 13.44
CA ARG A 143 -27.08 4.47 13.64
C ARG A 143 -28.19 5.31 13.01
N SER A 144 -28.02 5.67 11.74
CA SER A 144 -29.05 6.41 11.03
C SER A 144 -30.22 5.53 10.58
N PRO A 145 -30.02 4.28 10.13
CA PRO A 145 -31.18 3.44 9.81
C PRO A 145 -32.14 3.29 10.95
N TYR A 146 -31.67 3.36 12.20
CA TYR A 146 -32.61 3.27 13.32
C TYR A 146 -33.45 4.52 13.46
N ASN A 147 -32.91 5.70 13.13
CA ASN A 147 -33.72 6.90 13.09
C ASN A 147 -34.80 6.80 12.01
N TYR A 148 -34.39 6.40 10.81
CA TYR A 148 -35.38 6.22 9.74
C TYR A 148 -36.44 5.21 10.16
N LEU A 149 -36.02 4.11 10.78
CA LEU A 149 -36.94 3.05 11.15
C LEU A 149 -37.89 3.49 12.25
N GLN A 150 -37.41 4.28 13.22
CA GLN A 150 -38.31 4.73 14.27
C GLN A 150 -39.37 5.68 13.71
N VAL A 151 -38.99 6.56 12.79
CA VAL A 151 -39.99 7.43 12.17
C VAL A 151 -41.02 6.58 11.40
N ALA A 152 -40.53 5.62 10.60
CA ALA A 152 -41.42 4.79 9.81
C ALA A 152 -42.34 3.95 10.68
N TYR A 153 -41.80 3.37 11.76
CA TYR A 153 -42.60 2.53 12.65
C TYR A 153 -43.66 3.36 13.37
N PHE A 154 -43.33 4.60 13.75
CA PHE A 154 -44.35 5.45 14.35
C PHE A 154 -45.45 5.76 13.35
N LYS A 155 -45.09 6.07 12.11
CA LYS A 155 -46.12 6.35 11.10
C LYS A 155 -46.87 5.10 10.66
N ILE A 156 -46.36 3.91 10.96
CA ILE A 156 -47.01 2.65 10.59
C ILE A 156 -47.89 2.10 11.71
N ASN A 157 -47.81 2.66 12.91
CA ASN A 157 -48.53 2.19 14.10
C ASN A 157 -48.06 0.79 14.49
N LYS A 158 -46.77 0.72 14.83
CA LYS A 158 -46.10 -0.45 15.38
C LYS A 158 -45.24 -0.04 16.57
N LEU A 159 -45.86 0.67 17.52
CA LEU A 159 -45.15 1.52 18.47
C LEU A 159 -44.05 0.82 19.25
N GLU A 160 -44.17 -0.49 19.50
CA GLU A 160 -43.16 -1.17 20.30
C GLU A 160 -41.80 -1.15 19.61
N LYS A 161 -41.77 -1.54 18.33
CA LYS A 161 -40.52 -1.45 17.58
C LYS A 161 -40.08 0.00 17.43
N ALA A 162 -41.03 0.93 17.41
CA ALA A 162 -40.68 2.35 17.34
C ALA A 162 -39.89 2.78 18.56
N VAL A 163 -40.35 2.40 19.76
CA VAL A 163 -39.61 2.78 20.96
C VAL A 163 -38.29 2.04 21.03
N ALA A 164 -38.24 0.78 20.55
CA ALA A 164 -36.97 0.08 20.54
C ALA A 164 -35.94 0.80 19.66
N ALA A 165 -36.35 1.20 18.45
CA ALA A 165 -35.44 1.91 17.56
C ALA A 165 -35.07 3.27 18.12
N ALA A 166 -36.03 3.97 18.74
CA ALA A 166 -35.73 5.26 19.35
C ALA A 166 -34.71 5.13 20.46
N HIS A 167 -34.85 4.12 21.31
CA HIS A 167 -33.87 3.91 22.37
C HIS A 167 -32.50 3.56 21.81
N THR A 168 -32.46 2.70 20.78
CA THR A 168 -31.17 2.37 20.16
C THR A 168 -30.47 3.61 19.62
N PHE A 169 -31.20 4.44 18.88
CA PHE A 169 -30.60 5.65 18.34
C PHE A 169 -30.18 6.62 19.44
N PHE A 170 -31.02 6.76 20.48
CA PHE A 170 -30.68 7.68 21.58
C PHE A 170 -29.42 7.25 22.29
N VAL A 171 -29.26 5.93 22.52
CA VAL A 171 -28.03 5.43 23.11
C VAL A 171 -26.86 5.68 22.17
N GLY A 172 -27.09 5.57 20.86
CA GLY A 172 -26.03 5.83 19.92
C GLY A 172 -25.52 7.26 19.95
N ASN A 173 -26.44 8.22 19.97
CA ASN A 173 -26.10 9.65 20.02
C ASN A 173 -26.69 10.27 21.28
N PRO A 174 -25.87 10.57 22.29
CA PRO A 174 -26.39 11.08 23.57
C PRO A 174 -26.69 12.57 23.60
N GLU A 175 -26.36 13.33 22.55
CA GLU A 175 -26.59 14.77 22.52
C GLU A 175 -27.87 15.14 21.80
N HIS A 176 -28.65 14.17 21.33
CA HIS A 176 -29.85 14.44 20.55
C HIS A 176 -31.03 14.63 21.50
N MET A 177 -31.49 15.86 21.63
CA MET A 177 -32.60 16.17 22.53
C MET A 177 -33.96 15.79 21.94
N GLU A 178 -34.11 15.89 20.62
CA GLU A 178 -35.40 15.60 20.00
C GLU A 178 -35.79 14.14 20.21
N MET A 179 -34.83 13.22 20.13
CA MET A 179 -35.15 11.83 20.39
C MET A 179 -35.48 11.59 21.86
N GLN A 180 -34.88 12.37 22.77
CA GLN A 180 -35.28 12.29 24.17
C GLN A 180 -36.74 12.74 24.33
N GLN A 181 -37.13 13.81 23.64
CA GLN A 181 -38.53 14.24 23.71
C GLN A 181 -39.47 13.21 23.12
N ASN A 182 -39.06 12.58 22.02
CA ASN A 182 -39.88 11.51 21.43
C ASN A 182 -40.02 10.33 22.38
N LEU A 183 -38.93 9.96 23.06
CA LEU A 183 -39.00 8.89 24.03
C LEU A 183 -39.93 9.26 25.19
N ASP A 184 -39.86 10.51 25.65
CA ASP A 184 -40.78 10.95 26.70
C ASP A 184 -42.23 10.89 26.24
N TYR A 185 -42.50 11.31 25.00
CA TYR A 185 -43.86 11.25 24.47
C TYR A 185 -44.34 9.80 24.38
N TYR A 186 -43.47 8.89 23.95
CA TYR A 186 -43.82 7.47 23.95
C TYR A 186 -44.09 6.98 25.36
N GLN A 187 -43.31 7.45 26.33
CA GLN A 187 -43.49 7.01 27.71
C GLN A 187 -44.82 7.48 28.29
N THR A 188 -45.25 8.69 27.91
CA THR A 188 -46.55 9.17 28.37
C THR A 188 -47.68 8.27 27.88
N MET A 189 -47.62 7.85 26.62
CA MET A 189 -48.62 6.94 26.09
C MET A 189 -48.37 5.52 26.61
N SER A 190 -49.46 4.82 26.91
CA SER A 190 -49.36 3.47 27.43
C SER A 190 -48.97 2.50 26.32
N GLY A 191 -48.55 1.30 26.73
CA GLY A 191 -48.15 0.26 25.80
C GLY A 191 -46.70 -0.17 25.91
N VAL A 192 -45.93 0.35 26.86
CA VAL A 192 -44.53 0.01 27.05
C VAL A 192 -44.26 -0.08 28.55
N LYS A 193 -43.01 -0.40 28.87
CA LYS A 193 -42.55 -0.49 30.25
C LYS A 193 -41.16 0.14 30.32
N GLU A 194 -40.53 0.02 31.49
CA GLU A 194 -39.14 0.48 31.64
C GLU A 194 -38.14 -0.56 31.14
N ALA A 195 -38.40 -1.84 31.37
CA ALA A 195 -37.57 -2.91 30.84
C ALA A 195 -37.89 -3.25 29.40
N ASP A 196 -38.96 -2.68 28.84
CA ASP A 196 -39.27 -2.89 27.43
C ASP A 196 -38.20 -2.27 26.53
N PHE A 197 -37.54 -1.22 27.01
CA PHE A 197 -36.46 -0.60 26.25
C PHE A 197 -35.35 -1.61 26.00
N LYS A 198 -34.92 -1.73 24.75
CA LYS A 198 -33.87 -2.66 24.37
C LYS A 198 -32.88 -1.98 23.45
N ASP A 199 -31.61 -2.35 23.59
CA ASP A 199 -30.54 -1.88 22.72
C ASP A 199 -30.15 -3.02 21.79
N LEU A 200 -30.12 -2.75 20.49
CA LEU A 200 -29.90 -3.77 19.48
C LEU A 200 -28.54 -3.65 18.79
N GLU A 201 -27.66 -2.76 19.26
CA GLU A 201 -26.40 -2.54 18.56
C GLU A 201 -25.20 -2.74 19.49
N THR A 202 -25.35 -2.45 20.77
CA THR A 202 -24.23 -2.56 21.69
C THR A 202 -23.84 -4.02 21.90
N GLN A 203 -22.54 -4.25 22.04
CA GLN A 203 -22.00 -5.60 22.13
C GLN A 203 -22.41 -6.25 23.45
N PRO A 204 -22.60 -7.58 23.45
CA PRO A 204 -23.05 -8.25 24.68
C PRO A 204 -22.06 -8.16 25.83
N HIS A 205 -20.75 -8.11 25.55
CA HIS A 205 -19.78 -8.04 26.63
C HIS A 205 -19.77 -6.66 27.28
N MET A 206 -20.34 -5.66 26.62
CA MET A 206 -20.39 -4.32 27.19
C MET A 206 -21.68 -4.08 27.97
N GLN A 207 -22.75 -4.80 27.63
CA GLN A 207 -23.99 -4.69 28.40
C GLN A 207 -23.88 -5.40 29.75
N GLU A 208 -23.05 -6.44 29.83
CA GLU A 208 -22.88 -7.17 31.07
C GLU A 208 -21.89 -6.52 32.03
N PHE A 209 -20.90 -5.79 31.53
CA PHE A 209 -19.97 -5.11 32.41
C PHE A 209 -20.64 -3.97 33.16
N ARG A 210 -21.35 -3.09 32.44
CA ARG A 210 -21.95 -1.93 33.08
C ARG A 210 -23.05 -2.35 34.05
N LEU A 211 -23.85 -3.34 33.69
CA LEU A 211 -24.90 -3.80 34.59
C LEU A 211 -24.32 -4.40 35.86
N GLY A 212 -23.26 -5.20 35.72
CA GLY A 212 -22.61 -5.75 36.89
C GLY A 212 -21.99 -4.68 37.78
N VAL A 213 -21.36 -3.68 37.16
CA VAL A 213 -20.78 -2.59 37.93
C VAL A 213 -21.86 -1.82 38.68
N ARG A 214 -22.98 -1.56 38.01
CA ARG A 214 -24.08 -0.85 38.66
C ARG A 214 -24.64 -1.66 39.82
N LEU A 215 -24.80 -2.98 39.64
CA LEU A 215 -25.29 -3.82 40.73
C LEU A 215 -24.31 -3.84 41.90
N TYR A 216 -23.01 -3.89 41.61
CA TYR A 216 -22.01 -3.90 42.67
C TYR A 216 -21.99 -2.58 43.43
N SER A 217 -22.19 -1.47 42.72
CA SER A 217 -22.19 -0.15 43.36
C SER A 217 -23.41 0.03 44.27
N GLU A 218 -24.42 -0.83 44.17
CA GLU A 218 -25.59 -0.78 45.02
C GLU A 218 -25.52 -1.77 46.18
N GLU A 219 -24.31 -2.06 46.67
CA GLU A 219 -24.07 -3.00 47.77
C GLU A 219 -24.87 -4.29 47.62
N GLN A 220 -24.87 -4.84 46.40
CA GLN A 220 -25.54 -6.10 46.08
C GLN A 220 -24.53 -7.02 45.40
N PRO A 221 -23.59 -7.58 46.17
CA PRO A 221 -22.56 -8.44 45.54
C PRO A 221 -23.09 -9.76 45.04
N GLN A 222 -24.23 -10.24 45.54
CA GLN A 222 -24.72 -11.56 45.16
C GLN A 222 -25.06 -11.62 43.68
N GLU A 223 -25.68 -10.58 43.14
CA GLU A 223 -26.09 -10.54 41.76
C GLU A 223 -25.04 -9.94 40.83
N ALA A 224 -23.85 -9.64 41.35
CA ALA A 224 -22.81 -8.99 40.56
C ALA A 224 -21.78 -9.95 39.99
N VAL A 225 -21.46 -11.03 40.70
CA VAL A 225 -20.41 -11.94 40.23
C VAL A 225 -20.76 -12.66 38.93
N PRO A 226 -21.96 -13.22 38.74
CA PRO A 226 -22.20 -13.92 37.47
C PRO A 226 -22.14 -13.00 36.27
N HIS A 227 -22.59 -11.76 36.42
CA HIS A 227 -22.53 -10.80 35.32
C HIS A 227 -21.09 -10.51 34.94
N LEU A 228 -20.20 -10.36 35.93
CA LEU A 228 -18.80 -10.08 35.64
C LEU A 228 -18.10 -11.29 35.02
N GLU A 229 -18.45 -12.49 35.48
CA GLU A 229 -17.87 -13.69 34.88
C GLU A 229 -18.30 -13.83 33.42
N ALA A 230 -19.59 -13.60 33.14
CA ALA A 230 -20.06 -13.60 31.77
C ALA A 230 -19.38 -12.51 30.95
N ALA A 231 -19.12 -11.36 31.57
CA ALA A 231 -18.40 -10.28 30.89
C ALA A 231 -17.00 -10.73 30.50
N LEU A 232 -16.30 -11.45 31.38
CA LEU A 232 -14.98 -11.94 31.03
C LEU A 232 -15.03 -12.92 29.88
N GLN A 233 -15.96 -13.89 29.95
CA GLN A 233 -16.05 -14.88 28.88
C GLN A 233 -16.35 -14.22 27.54
N GLU A 234 -17.35 -13.33 27.52
CA GLU A 234 -17.70 -12.65 26.28
C GLU A 234 -16.60 -11.72 25.81
N TYR A 235 -15.82 -11.15 26.74
CA TYR A 235 -14.69 -10.32 26.32
C TYR A 235 -13.67 -11.14 25.56
N PHE A 236 -13.31 -12.32 26.08
CA PHE A 236 -12.34 -13.14 25.38
C PHE A 236 -12.88 -13.60 24.02
N VAL A 237 -14.15 -13.98 23.97
CA VAL A 237 -14.75 -14.40 22.71
C VAL A 237 -14.74 -13.26 21.69
N ALA A 238 -15.14 -12.06 22.13
CA ALA A 238 -15.21 -10.91 21.23
C ALA A 238 -13.82 -10.48 20.79
N TYR A 239 -12.82 -10.61 21.67
CA TYR A 239 -11.46 -10.31 21.28
C TYR A 239 -10.99 -11.24 20.18
N GLU A 240 -11.23 -12.53 20.34
CA GLU A 240 -10.83 -13.49 19.31
C GLU A 240 -11.58 -13.25 18.01
N GLU A 241 -12.83 -12.78 18.09
CA GLU A 241 -13.57 -12.46 16.87
C GLU A 241 -13.03 -11.21 16.19
N CYS A 242 -12.71 -10.18 16.97
CA CYS A 242 -12.26 -8.91 16.39
C CYS A 242 -10.86 -8.99 15.84
N ARG A 243 -10.04 -9.92 16.35
CA ARG A 243 -8.69 -10.07 15.81
C ARG A 243 -8.68 -10.68 14.42
N ALA A 244 -9.72 -11.42 14.05
CA ALA A 244 -9.77 -12.11 12.77
C ALA A 244 -10.29 -11.23 11.62
N LEU A 245 -10.69 -9.99 11.91
CA LEU A 245 -11.21 -9.09 10.90
C LEU A 245 -10.24 -7.96 10.57
N CYS A 246 -8.98 -8.09 10.98
CA CYS A 246 -7.98 -7.06 10.76
C CYS A 246 -7.08 -7.36 9.55
N GLU A 247 -7.30 -8.46 8.86
CA GLU A 247 -6.51 -8.82 7.68
C GLU A 247 -7.20 -8.25 6.45
N GLY A 248 -6.96 -6.97 6.20
CA GLY A 248 -7.61 -6.27 5.13
C GLY A 248 -6.65 -5.64 4.14
N PRO A 249 -7.17 -4.85 3.21
CA PRO A 249 -6.32 -4.25 2.18
C PRO A 249 -5.33 -3.25 2.77
N TYR A 250 -4.19 -3.12 2.08
CA TYR A 250 -3.17 -2.18 2.49
C TYR A 250 -3.63 -0.75 2.28
N ASP A 251 -3.11 0.16 3.08
CA ASP A 251 -3.56 1.55 3.12
C ASP A 251 -2.49 2.44 2.51
N TYR A 252 -2.60 2.68 1.20
CA TYR A 252 -1.74 3.62 0.53
C TYR A 252 -2.17 5.06 0.83
N ASP A 253 -1.20 5.97 0.85
CA ASP A 253 -1.47 7.39 1.07
C ASP A 253 -1.98 8.00 -0.24
N GLY A 254 -3.30 7.94 -0.42
CA GLY A 254 -3.92 8.52 -1.60
C GLY A 254 -3.41 7.96 -2.90
N TYR A 255 -2.75 8.80 -3.70
CA TYR A 255 -2.20 8.41 -4.99
C TYR A 255 -0.76 7.96 -4.91
N ASN A 256 -0.34 7.42 -3.77
CA ASN A 256 1.04 6.95 -3.61
C ASN A 256 1.22 5.49 -4.02
N TYR A 257 0.19 4.85 -4.56
CA TYR A 257 0.35 3.51 -5.11
C TYR A 257 0.95 3.53 -6.51
N LEU A 258 1.01 4.69 -7.16
CA LEU A 258 1.64 4.80 -8.47
C LEU A 258 3.16 4.92 -8.39
N GLU A 259 3.70 5.22 -7.21
CA GLU A 259 5.12 5.37 -7.00
C GLU A 259 5.66 4.36 -5.98
N TYR A 260 5.01 3.21 -5.86
CA TYR A 260 5.37 2.21 -4.87
C TYR A 260 6.30 1.19 -5.50
N ASN A 261 7.53 1.12 -5.00
CA ASN A 261 8.57 0.27 -5.58
C ASN A 261 9.17 -0.64 -4.52
N ALA A 262 8.30 -1.28 -3.73
CA ALA A 262 8.75 -2.20 -2.69
C ALA A 262 8.95 -3.59 -3.27
N ASP A 263 10.01 -4.25 -2.83
CA ASP A 263 10.29 -5.63 -3.24
C ASP A 263 9.31 -6.58 -2.56
N LEU A 264 9.50 -7.87 -2.79
CA LEU A 264 8.58 -8.86 -2.24
C LEU A 264 8.66 -8.89 -0.71
N PHE A 265 9.87 -9.02 -0.17
CA PHE A 265 10.02 -9.18 1.28
C PHE A 265 9.87 -7.87 2.02
N GLN A 266 9.85 -6.73 1.33
CA GLN A 266 9.53 -5.48 1.99
C GLN A 266 8.02 -5.21 1.98
N ALA A 267 7.35 -5.55 0.88
CA ALA A 267 5.90 -5.44 0.83
C ALA A 267 5.25 -6.35 1.86
N ILE A 268 5.77 -7.57 2.02
CA ILE A 268 5.20 -8.49 3.01
C ILE A 268 5.31 -7.90 4.41
N THR A 269 6.47 -7.34 4.76
CA THR A 269 6.63 -6.80 6.11
C THR A 269 5.83 -5.53 6.32
N ASP A 270 5.70 -4.69 5.28
CA ASP A 270 4.84 -3.51 5.41
C ASP A 270 3.41 -3.91 5.72
N HIS A 271 2.85 -4.83 4.92
CA HIS A 271 1.47 -5.25 5.15
C HIS A 271 1.32 -5.95 6.50
N TYR A 272 2.29 -6.78 6.88
CA TYR A 272 2.18 -7.48 8.15
C TYR A 272 2.25 -6.52 9.33
N ILE A 273 3.12 -5.50 9.25
CA ILE A 273 3.21 -4.53 10.35
C ILE A 273 1.91 -3.75 10.47
N GLN A 274 1.31 -3.38 9.34
CA GLN A 274 0.02 -2.69 9.42
C GLN A 274 -1.05 -3.60 10.03
N VAL A 275 -1.07 -4.88 9.65
CA VAL A 275 -2.04 -5.82 10.21
C VAL A 275 -1.83 -5.98 11.71
N LEU A 276 -0.58 -6.08 12.14
CA LEU A 276 -0.28 -6.22 13.57
C LEU A 276 -0.71 -4.98 14.34
N ASN A 277 -0.47 -3.80 13.78
CA ASN A 277 -0.94 -2.57 14.43
C ASN A 277 -2.45 -2.58 14.58
N CYS A 278 -3.16 -2.99 13.53
CA CYS A 278 -4.63 -3.04 13.62
C CYS A 278 -5.08 -4.05 14.65
N LYS A 279 -4.40 -5.20 14.75
CA LYS A 279 -4.77 -6.21 15.74
C LYS A 279 -4.52 -5.72 17.16
N GLN A 280 -3.45 -4.96 17.36
CA GLN A 280 -3.15 -4.43 18.69
C GLN A 280 -4.05 -3.27 19.07
N ASN A 281 -4.59 -2.54 18.08
CA ASN A 281 -5.49 -1.43 18.38
C ASN A 281 -6.92 -1.87 18.63
N CYS A 282 -7.15 -3.15 18.95
CA CYS A 282 -8.50 -3.63 19.27
C CYS A 282 -8.78 -3.61 20.75
N VAL A 283 -7.75 -3.64 21.60
CA VAL A 283 -7.96 -3.56 23.04
C VAL A 283 -8.50 -2.20 23.42
N THR A 284 -8.22 -1.17 22.62
CA THR A 284 -8.76 0.16 22.86
C THR A 284 -10.09 0.39 22.16
N GLU A 285 -10.55 -0.57 21.36
CA GLU A 285 -11.86 -0.49 20.73
C GLU A 285 -12.90 -1.30 21.50
N LEU A 286 -12.49 -2.43 22.08
CA LEU A 286 -13.40 -3.21 22.91
C LEU A 286 -13.71 -2.53 24.24
N ALA A 287 -12.95 -1.49 24.62
CA ALA A 287 -13.12 -0.82 25.90
C ALA A 287 -13.73 0.57 25.75
N SER A 288 -14.35 0.86 24.61
CA SER A 288 -14.93 2.16 24.34
C SER A 288 -16.43 2.03 24.14
N HIS A 289 -17.17 2.96 24.73
CA HIS A 289 -18.62 3.01 24.63
C HIS A 289 -19.05 4.37 24.11
N PRO A 290 -20.09 4.44 23.29
CA PRO A 290 -20.53 5.75 22.77
C PRO A 290 -21.06 6.69 23.84
N SER A 291 -21.48 6.17 24.99
CA SER A 291 -21.98 7.04 26.06
C SER A 291 -20.87 7.89 26.68
N ARG A 292 -19.61 7.49 26.53
CA ARG A 292 -18.48 8.18 27.13
C ARG A 292 -17.59 8.78 26.06
N GLU A 293 -16.81 9.79 26.45
CA GLU A 293 -15.84 10.42 25.58
C GLU A 293 -14.44 9.84 25.72
N LYS A 294 -14.26 8.81 26.54
CA LYS A 294 -12.96 8.26 26.85
C LYS A 294 -13.08 6.77 27.13
N PRO A 295 -12.19 5.95 26.57
CA PRO A 295 -12.25 4.51 26.83
C PRO A 295 -11.99 4.18 28.30
N PHE A 296 -12.56 3.06 28.74
CA PHE A 296 -12.37 2.62 30.12
C PHE A 296 -10.89 2.35 30.39
N GLU A 297 -10.47 2.64 31.61
CA GLU A 297 -9.06 2.55 31.99
C GLU A 297 -8.77 1.16 32.56
N ASP A 298 -7.84 0.45 31.93
CA ASP A 298 -7.37 -0.86 32.39
C ASP A 298 -8.54 -1.84 32.50
N PHE A 299 -9.11 -2.15 31.33
CA PHE A 299 -10.37 -2.88 31.27
C PHE A 299 -10.29 -4.23 31.97
N LEU A 300 -9.43 -5.13 31.48
CA LEU A 300 -9.36 -6.47 32.05
C LEU A 300 -8.85 -6.47 33.49
N PRO A 301 -7.80 -5.75 33.85
CA PRO A 301 -7.46 -5.63 35.28
C PRO A 301 -8.59 -5.06 36.13
N SER A 302 -9.39 -4.15 35.59
CA SER A 302 -10.57 -3.69 36.34
C SER A 302 -11.57 -4.81 36.54
N HIS A 303 -11.78 -5.64 35.50
CA HIS A 303 -12.62 -6.82 35.65
C HIS A 303 -12.17 -7.63 36.86
N TYR A 304 -10.88 -7.93 36.92
CA TYR A 304 -10.38 -8.78 38.00
C TYR A 304 -10.44 -8.07 39.35
N ASN A 305 -10.27 -6.74 39.37
CA ASN A 305 -10.35 -6.01 40.63
C ASN A 305 -11.76 -6.04 41.21
N TYR A 306 -12.77 -5.71 40.39
CA TYR A 306 -14.14 -5.81 40.87
C TYR A 306 -14.49 -7.23 41.27
N LEU A 307 -14.00 -8.23 40.50
CA LEU A 307 -14.30 -9.61 40.83
C LEU A 307 -13.73 -9.99 42.20
N GLN A 308 -12.48 -9.61 42.47
CA GLN A 308 -11.90 -9.98 43.76
C GLN A 308 -12.59 -9.27 44.91
N PHE A 309 -12.97 -8.00 44.72
CA PHE A 309 -13.69 -7.30 45.77
C PHE A 309 -15.04 -7.97 46.05
N ALA A 310 -15.77 -8.30 44.99
CA ALA A 310 -17.08 -8.93 45.18
C ALA A 310 -16.94 -10.30 45.81
N TYR A 311 -15.93 -11.08 45.41
CA TYR A 311 -15.73 -12.40 45.99
C TYR A 311 -15.38 -12.31 47.47
N TYR A 312 -14.55 -11.34 47.85
CA TYR A 312 -14.28 -11.15 49.27
C TYR A 312 -15.54 -10.76 50.02
N ASN A 313 -16.36 -9.89 49.43
CA ASN A 313 -17.59 -9.46 50.10
C ASN A 313 -18.55 -10.64 50.30
N ILE A 314 -18.67 -11.51 49.30
CA ILE A 314 -19.63 -12.61 49.38
C ILE A 314 -19.25 -13.58 50.49
N GLY A 315 -17.98 -13.95 50.56
CA GLY A 315 -17.53 -14.91 51.54
C GLY A 315 -16.62 -15.98 50.96
N ASN A 316 -16.66 -16.14 49.64
CA ASN A 316 -15.75 -17.05 48.95
C ASN A 316 -14.35 -16.47 49.01
N TYR A 317 -13.38 -17.30 49.38
CA TYR A 317 -12.04 -16.82 49.69
C TYR A 317 -10.97 -17.32 48.72
N THR A 318 -11.06 -18.60 48.31
CA THR A 318 -10.11 -19.11 47.33
C THR A 318 -10.23 -18.35 46.00
N GLN A 319 -11.45 -18.08 45.57
CA GLN A 319 -11.62 -17.27 44.37
C GLN A 319 -11.10 -15.85 44.56
N ALA A 320 -11.25 -15.31 45.77
CA ALA A 320 -10.74 -13.98 46.05
C ALA A 320 -9.23 -13.91 45.92
N VAL A 321 -8.53 -14.88 46.53
CA VAL A 321 -7.07 -14.87 46.45
C VAL A 321 -6.61 -15.17 45.03
N GLU A 322 -7.33 -16.04 44.32
CA GLU A 322 -6.97 -16.32 42.93
C GLU A 322 -7.11 -15.07 42.06
N CYS A 323 -8.18 -14.30 42.25
CA CYS A 323 -8.37 -13.08 41.47
C CYS A 323 -7.34 -12.02 41.85
N ALA A 324 -6.98 -11.95 43.14
CA ALA A 324 -5.92 -11.02 43.55
C ALA A 324 -4.60 -11.39 42.88
N LYS A 325 -4.28 -12.68 42.82
CA LYS A 325 -3.04 -13.10 42.18
C LYS A 325 -3.06 -12.81 40.68
N THR A 326 -4.17 -13.10 40.01
CA THR A 326 -4.23 -12.84 38.56
C THR A 326 -4.31 -11.35 38.26
N TYR A 327 -4.67 -10.51 39.23
CA TYR A 327 -4.53 -9.07 39.02
C TYR A 327 -3.11 -8.60 39.24
N LEU A 328 -2.44 -9.11 40.27
CA LEU A 328 -1.04 -8.77 40.49
C LEU A 328 -0.15 -9.30 39.40
N LEU A 329 -0.63 -10.25 38.60
CA LEU A 329 0.11 -10.69 37.43
C LEU A 329 0.34 -9.53 36.46
N PHE A 330 -0.67 -8.67 36.28
CA PHE A 330 -0.55 -7.55 35.35
C PHE A 330 0.21 -6.39 35.97
N PHE A 331 -0.08 -6.06 37.23
CA PHE A 331 0.55 -4.94 37.93
C PHE A 331 1.23 -5.48 39.18
N PRO A 332 2.47 -5.95 39.07
CA PRO A 332 3.14 -6.61 40.19
C PRO A 332 3.74 -5.66 41.22
N ASN A 333 3.53 -4.35 41.09
CA ASN A 333 4.09 -3.37 42.01
C ASN A 333 3.02 -2.55 42.72
N ASP A 334 1.76 -2.99 42.65
CA ASP A 334 0.68 -2.31 43.35
C ASP A 334 0.82 -2.56 44.85
N GLU A 335 0.45 -1.56 45.66
CA GLU A 335 0.59 -1.69 47.10
C GLU A 335 -0.73 -2.03 47.77
N VAL A 336 -1.84 -1.48 47.28
CA VAL A 336 -3.14 -1.75 47.89
C VAL A 336 -3.54 -3.20 47.65
N MET A 337 -3.36 -3.69 46.42
CA MET A 337 -3.66 -5.09 46.14
C MET A 337 -2.72 -6.02 46.88
N ASN A 338 -1.46 -5.62 47.05
CA ASN A 338 -0.54 -6.42 47.84
C ASN A 338 -0.98 -6.51 49.30
N GLN A 339 -1.46 -5.38 49.86
CA GLN A 339 -1.99 -5.40 51.21
C GLN A 339 -3.21 -6.31 51.31
N ASN A 340 -4.10 -6.25 50.32
CA ASN A 340 -5.28 -7.10 50.33
C ASN A 340 -4.90 -8.58 50.25
N LEU A 341 -3.93 -8.91 49.40
CA LEU A 341 -3.47 -10.29 49.29
C LEU A 341 -2.83 -10.75 50.60
N ALA A 342 -2.05 -9.88 51.24
CA ALA A 342 -1.44 -10.23 52.52
C ALA A 342 -2.51 -10.49 53.57
N TYR A 343 -3.56 -9.66 53.60
CA TYR A 343 -4.64 -9.87 54.55
C TYR A 343 -5.36 -11.20 54.30
N TYR A 344 -5.66 -11.49 53.03
CA TYR A 344 -6.31 -12.75 52.70
C TYR A 344 -5.45 -13.94 53.08
N ALA A 345 -4.14 -13.86 52.82
CA ALA A 345 -3.24 -14.94 53.17
C ALA A 345 -3.13 -15.12 54.68
N ALA A 346 -3.10 -14.02 55.42
CA ALA A 346 -3.04 -14.10 56.87
C ALA A 346 -4.30 -14.75 57.43
N MET A 347 -5.47 -14.40 56.89
CA MET A 347 -6.71 -15.02 57.36
C MET A 347 -6.71 -16.51 57.01
N LEU A 348 -6.31 -16.86 55.79
CA LEU A 348 -6.24 -18.25 55.35
C LEU A 348 -4.96 -18.90 55.86
N GLY A 349 -4.71 -20.13 55.41
CA GLY A 349 -3.47 -20.81 55.73
C GLY A 349 -2.44 -20.65 54.62
N GLU A 350 -1.17 -20.82 54.99
CA GLU A 350 -0.08 -20.61 54.04
C GLU A 350 -0.13 -21.64 52.90
N GLU A 351 -0.42 -22.90 53.22
CA GLU A 351 -0.41 -23.95 52.21
C GLU A 351 -1.47 -23.68 51.14
N HIS A 352 -2.68 -23.29 51.56
CA HIS A 352 -3.73 -23.00 50.58
C HIS A 352 -3.35 -21.80 49.72
N THR A 353 -2.88 -20.72 50.35
CA THR A 353 -2.50 -19.53 49.60
C THR A 353 -1.35 -19.79 48.64
N ARG A 354 -0.52 -20.79 48.92
CA ARG A 354 0.51 -21.19 47.98
C ARG A 354 -0.01 -22.20 46.95
N SER A 355 -1.17 -22.82 47.22
CA SER A 355 -1.66 -23.86 46.33
C SER A 355 -2.25 -23.28 45.04
N ILE A 356 -3.01 -22.19 45.15
CA ILE A 356 -3.72 -21.63 44.00
C ILE A 356 -2.89 -20.54 43.36
N GLY A 357 -2.95 -20.46 42.03
CA GLY A 357 -2.26 -19.43 41.28
C GLY A 357 -3.20 -18.65 40.39
N PRO A 358 -2.65 -17.93 39.41
CA PRO A 358 -3.50 -17.12 38.52
C PRO A 358 -4.31 -17.95 37.55
N ARG A 359 -5.07 -17.29 36.67
CA ARG A 359 -5.85 -17.96 35.64
C ARG A 359 -5.02 -18.10 34.37
N GLU A 360 -5.22 -19.22 33.67
CA GLU A 360 -4.40 -19.53 32.52
C GLU A 360 -4.74 -18.66 31.31
N SER A 361 -6.01 -18.27 31.17
CA SER A 361 -6.41 -17.46 30.02
C SER A 361 -5.72 -16.11 30.03
N ALA A 362 -5.66 -15.47 31.20
CA ALA A 362 -4.93 -14.20 31.31
C ALA A 362 -3.45 -14.39 31.01
N LYS A 363 -2.87 -15.50 31.48
CA LYS A 363 -1.46 -15.78 31.19
C LYS A 363 -1.22 -15.86 29.69
N GLU A 364 -2.06 -16.61 28.97
CA GLU A 364 -1.87 -16.74 27.52
C GLU A 364 -2.07 -15.42 26.81
N TYR A 365 -3.09 -14.66 27.22
CA TYR A 365 -3.37 -13.35 26.62
C TYR A 365 -2.17 -12.42 26.77
N ARG A 366 -1.64 -12.31 27.99
CA ARG A 366 -0.49 -11.45 28.24
C ARG A 366 0.75 -11.95 27.49
N GLN A 367 0.96 -13.26 27.47
CA GLN A 367 2.13 -13.82 26.81
C GLN A 367 2.13 -13.52 25.32
N ARG A 368 0.97 -13.62 24.67
CA ARG A 368 0.92 -13.31 23.24
C ARG A 368 1.06 -11.82 22.98
N SER A 369 0.40 -10.99 23.80
CA SER A 369 0.44 -9.55 23.56
C SER A 369 1.85 -9.00 23.78
N LEU A 370 2.62 -9.58 24.69
CA LEU A 370 3.99 -9.11 24.91
C LEU A 370 4.87 -9.34 23.67
N LEU A 371 4.74 -10.51 23.04
CA LEU A 371 5.51 -10.78 21.83
C LEU A 371 5.09 -9.86 20.70
N GLU A 372 3.79 -9.63 20.54
CA GLU A 372 3.34 -8.70 19.51
C GLU A 372 3.89 -7.29 19.75
N LYS A 373 3.88 -6.84 21.00
CA LYS A 373 4.42 -5.52 21.33
C LYS A 373 5.91 -5.44 21.04
N GLU A 374 6.64 -6.52 21.35
CA GLU A 374 8.08 -6.54 21.08
C GLU A 374 8.35 -6.39 19.58
N LEU A 375 7.60 -7.13 18.75
CA LEU A 375 7.79 -7.01 17.30
C LEU A 375 7.47 -5.61 16.81
N LEU A 376 6.38 -5.01 17.32
CA LEU A 376 6.00 -3.68 16.87
C LEU A 376 7.02 -2.62 17.30
N PHE A 377 7.60 -2.78 18.50
CA PHE A 377 8.60 -1.83 18.94
C PHE A 377 9.89 -1.97 18.15
N PHE A 378 10.27 -3.19 17.77
CA PHE A 378 11.42 -3.36 16.88
C PHE A 378 11.16 -2.68 15.53
N ALA A 379 9.96 -2.87 14.98
CA ALA A 379 9.65 -2.23 13.70
C ALA A 379 9.70 -0.71 13.81
N TYR A 380 9.16 -0.16 14.89
CA TYR A 380 9.24 1.29 15.11
C TYR A 380 10.69 1.75 15.22
N ASP A 381 11.52 1.01 15.96
CA ASP A 381 12.90 1.41 16.16
C ASP A 381 13.68 1.41 14.85
N VAL A 382 13.47 0.39 14.01
CA VAL A 382 14.31 0.21 12.83
C VAL A 382 13.74 0.92 11.61
N PHE A 383 12.49 0.64 11.25
CA PHE A 383 11.91 1.16 10.01
C PHE A 383 11.27 2.53 10.19
N GLY A 384 11.19 3.05 11.41
CA GLY A 384 10.56 4.33 11.65
C GLY A 384 9.06 4.36 11.41
N ILE A 385 8.37 3.27 11.73
CA ILE A 385 6.93 3.19 11.62
C ILE A 385 6.33 3.39 13.01
N PRO A 386 5.61 4.47 13.26
CA PRO A 386 5.21 4.79 14.64
C PRO A 386 4.26 3.77 15.24
N PHE A 387 4.33 3.65 16.57
CA PHE A 387 3.48 2.75 17.34
C PHE A 387 3.21 3.39 18.69
N VAL A 388 1.95 3.50 19.07
CA VAL A 388 1.54 4.07 20.34
C VAL A 388 0.92 2.98 21.18
N ASP A 389 1.50 2.72 22.34
CA ASP A 389 1.10 1.59 23.18
C ASP A 389 -0.32 1.77 23.70
N PRO A 390 -1.23 0.83 23.45
CA PRO A 390 -2.59 0.93 23.99
C PRO A 390 -2.76 0.36 25.39
N ASP A 391 -1.69 -0.03 26.06
CA ASP A 391 -1.76 -0.64 27.38
C ASP A 391 -0.88 0.14 28.36
N SER A 392 -1.19 0.02 29.64
CA SER A 392 -0.43 0.68 30.69
C SER A 392 0.32 -0.29 31.58
N TRP A 393 0.19 -1.59 31.34
CA TRP A 393 0.87 -2.60 32.14
C TRP A 393 2.11 -3.16 31.46
N THR A 394 2.57 -2.53 30.38
CA THR A 394 3.71 -3.04 29.63
C THR A 394 5.00 -2.72 30.36
N PRO A 395 5.84 -3.71 30.63
CA PRO A 395 7.12 -3.42 31.31
C PRO A 395 8.07 -2.66 30.40
N GLU A 396 9.15 -2.17 30.99
CA GLU A 396 10.14 -1.38 30.27
C GLU A 396 11.17 -2.23 29.54
N GLU A 397 11.08 -3.55 29.64
CA GLU A 397 12.06 -4.43 29.01
C GLU A 397 11.74 -4.75 27.55
N VAL A 398 10.56 -4.35 27.06
CA VAL A 398 10.22 -4.59 25.66
C VAL A 398 10.54 -3.41 24.75
N ILE A 399 10.84 -2.25 25.32
CA ILE A 399 11.19 -1.07 24.54
C ILE A 399 12.70 -1.09 24.28
N PRO A 400 13.15 -0.88 23.04
CA PRO A 400 14.59 -0.87 22.77
C PRO A 400 15.30 0.26 23.49
N LYS A 401 16.63 0.25 23.36
CA LYS A 401 17.45 1.21 24.10
C LYS A 401 17.34 2.62 23.51
N ARG A 402 17.33 2.72 22.18
CA ARG A 402 17.24 4.04 21.56
C ARG A 402 15.87 4.67 21.77
N LEU A 403 14.81 3.86 21.72
CA LEU A 403 13.47 4.37 21.93
C LEU A 403 13.27 4.85 23.37
N GLN A 404 14.06 4.32 24.30
CA GLN A 404 13.88 4.70 25.71
C GLN A 404 14.40 6.10 25.99
N GLU A 405 15.52 6.48 25.35
CA GLU A 405 16.08 7.82 25.55
C GLU A 405 15.14 8.90 25.03
N LYS A 406 14.51 8.67 23.89
CA LYS A 406 13.61 9.66 23.32
C LYS A 406 12.42 9.92 24.22
N GLN A 407 11.88 8.87 24.83
CA GLN A 407 10.77 9.05 25.77
C GLN A 407 11.21 9.83 27.00
N LYS A 408 12.46 9.65 27.42
CA LYS A 408 12.97 10.38 28.58
C LYS A 408 13.10 11.87 28.29
N SER A 409 13.61 12.21 27.10
CA SER A 409 13.74 13.62 26.73
C SER A 409 12.38 14.29 26.59
N GLU A 410 11.42 13.58 25.99
CA GLU A 410 10.07 14.13 25.87
C GLU A 410 9.43 14.33 27.24
N ARG A 411 9.81 13.52 28.23
CA ARG A 411 9.24 13.67 29.56
C ARG A 411 9.86 14.85 30.30
N GLU A 412 11.15 15.09 30.09
CA GLU A 412 11.82 16.20 30.78
C GLU A 412 11.31 17.54 30.28
N THR A 413 11.11 17.68 28.97
CA THR A 413 10.63 18.94 28.41
C THR A 413 9.19 19.24 28.80
N ALA A 414 8.45 18.25 29.29
CA ALA A 414 7.07 18.49 29.71
C ALA A 414 7.03 19.22 31.05
N VAL A 415 7.98 18.94 31.93
CA VAL A 415 8.01 19.61 33.24
C VAL A 415 8.76 20.94 33.20
N ARG A 416 9.64 21.15 32.22
CA ARG A 416 10.28 22.45 32.08
C ARG A 416 9.30 23.49 31.57
N ILE A 417 8.45 23.11 30.62
CA ILE A 417 7.44 24.03 30.12
C ILE A 417 6.41 24.36 31.20
N SER A 418 6.04 23.35 32.00
CA SER A 418 5.04 23.57 33.05
C SER A 418 5.55 24.57 34.09
N GLN A 419 6.83 24.50 34.44
CA GLN A 419 7.39 25.45 35.39
C GLN A 419 7.37 26.87 34.83
N GLU A 420 7.63 27.02 33.53
CA GLU A 420 7.61 28.33 32.91
C GLU A 420 6.21 28.96 32.98
N ILE A 421 5.18 28.15 32.77
CA ILE A 421 3.82 28.66 32.81
C ILE A 421 3.45 29.11 34.21
N GLY A 422 3.88 28.34 35.23
CA GLY A 422 3.55 28.70 36.60
C GLY A 422 4.14 30.02 37.03
N ASN A 423 5.38 30.31 36.58
CA ASN A 423 6.02 31.57 36.95
C ASN A 423 5.26 32.76 36.39
N LEU A 424 4.76 32.64 35.16
CA LEU A 424 3.97 33.72 34.57
C LEU A 424 2.68 33.95 35.35
N MET A 425 2.02 32.87 35.75
CA MET A 425 0.76 33.00 36.49
C MET A 425 0.99 33.55 37.89
N LYS A 426 2.07 33.11 38.55
CA LYS A 426 2.33 33.59 39.90
C LYS A 426 2.78 35.04 39.92
N GLU A 427 3.27 35.55 38.80
CA GLU A 427 3.63 36.96 38.72
C GLU A 427 2.43 37.87 38.47
N ILE A 428 1.29 37.30 38.07
CA ILE A 428 0.10 38.09 37.81
C ILE A 428 -0.51 38.57 39.12
N ASP A 441 -4.96 37.92 28.77
CA ASP A 441 -6.20 37.33 29.25
C ASP A 441 -6.03 35.84 29.53
N VAL A 442 -4.98 35.51 30.29
CA VAL A 442 -4.67 34.13 30.67
C VAL A 442 -4.43 33.29 29.42
N SER A 443 -5.49 33.06 28.65
CA SER A 443 -5.37 32.28 27.41
C SER A 443 -4.59 33.02 26.33
N ARG A 444 -4.27 34.30 26.53
CA ARG A 444 -3.48 35.06 25.59
C ARG A 444 -2.08 35.35 26.11
N LEU A 445 -1.73 34.86 27.30
CA LEU A 445 -0.42 35.15 27.89
C LEU A 445 0.28 33.86 28.30
N THR A 446 -0.48 32.84 28.68
CA THR A 446 0.08 31.58 29.13
C THR A 446 0.25 30.56 28.01
N ARG A 447 -0.17 30.88 26.78
CA ARG A 447 0.02 29.97 25.66
C ARG A 447 0.47 30.72 24.41
N GLU A 448 1.09 31.89 24.57
CA GLU A 448 1.68 32.63 23.46
C GLU A 448 2.95 33.31 23.96
N GLY A 449 3.61 34.04 23.05
CA GLY A 449 4.82 34.76 23.40
C GLY A 449 6.01 33.86 23.69
N GLY A 450 6.46 33.12 22.68
CA GLY A 450 7.55 32.19 22.85
C GLY A 450 8.91 32.82 22.67
N PRO A 451 9.96 32.00 22.75
CA PRO A 451 11.33 32.53 22.65
C PRO A 451 11.72 32.99 21.25
N LEU A 452 11.26 32.31 20.20
CA LEU A 452 11.71 32.58 18.82
C LEU A 452 13.23 32.40 18.71
N LEU A 453 13.64 31.14 18.85
CA LEU A 453 15.04 30.81 19.09
C LEU A 453 15.98 31.46 18.08
N TYR A 454 15.69 31.29 16.79
CA TYR A 454 16.64 31.68 15.76
C TYR A 454 16.84 33.19 15.73
N GLU A 455 18.08 33.60 15.52
CA GLU A 455 18.43 35.00 15.51
C GLU A 455 18.11 35.63 14.15
N GLY A 456 17.62 36.88 14.20
CA GLY A 456 17.25 37.59 13.00
C GLY A 456 15.77 37.60 12.69
N ILE A 457 14.91 37.29 13.66
CA ILE A 457 13.47 37.23 13.46
C ILE A 457 12.81 38.19 14.44
N SER A 458 11.96 39.06 13.91
CA SER A 458 11.21 40.01 14.72
C SER A 458 9.76 39.53 14.86
N LEU A 459 8.98 40.29 15.64
CA LEU A 459 7.58 39.96 15.90
C LEU A 459 6.74 41.16 15.49
N THR A 460 6.24 41.14 14.25
CA THR A 460 5.52 42.29 13.71
C THR A 460 4.21 42.52 14.43
N MET A 461 3.30 41.54 14.38
CA MET A 461 1.99 41.66 14.98
C MET A 461 1.70 40.44 15.85
N ASN A 462 1.24 40.69 17.07
CA ASN A 462 0.85 39.61 17.97
C ASN A 462 -0.64 39.33 17.81
N SER A 463 -1.19 38.49 18.68
CA SER A 463 -2.60 38.12 18.57
C SER A 463 -3.52 39.29 18.88
N LYS A 464 -3.09 40.20 19.77
CA LYS A 464 -3.94 41.34 20.14
C LYS A 464 -4.22 42.25 18.94
N LEU A 465 -3.19 42.50 18.13
CA LEU A 465 -3.35 43.42 17.00
C LEU A 465 -4.00 42.75 15.78
N LEU A 466 -4.15 41.43 15.80
CA LEU A 466 -4.80 40.72 14.70
C LEU A 466 -6.27 40.44 14.98
N ASN A 467 -6.82 40.95 16.08
CA ASN A 467 -8.24 40.83 16.40
C ASN A 467 -8.68 39.37 16.49
N GLY A 468 -8.10 38.66 17.44
CA GLY A 468 -8.44 37.26 17.63
C GLY A 468 -7.49 36.60 18.60
N SER A 469 -7.47 35.27 18.54
CA SER A 469 -6.65 34.44 19.40
C SER A 469 -5.90 33.41 18.57
N GLN A 470 -4.70 33.05 19.06
CA GLN A 470 -3.83 32.09 18.38
C GLN A 470 -3.48 32.57 16.98
N ARG A 471 -2.85 33.75 16.91
CA ARG A 471 -2.46 34.36 15.65
C ARG A 471 -1.11 35.02 15.83
N VAL A 472 -0.33 35.06 14.75
CA VAL A 472 1.01 35.64 14.80
C VAL A 472 1.46 35.96 13.39
N VAL A 473 2.34 36.95 13.27
CA VAL A 473 2.96 37.33 12.01
C VAL A 473 4.41 37.67 12.29
N MET A 474 5.34 36.92 11.70
CA MET A 474 6.76 37.09 11.92
C MET A 474 7.46 37.53 10.64
N ASP A 475 8.50 38.33 10.79
CA ASP A 475 9.24 38.88 9.66
C ASP A 475 10.67 38.36 9.65
N GLY A 476 11.21 38.19 8.45
CA GLY A 476 12.62 37.88 8.30
C GLY A 476 13.02 36.46 8.66
N VAL A 477 12.15 35.48 8.44
CA VAL A 477 12.52 34.10 8.71
C VAL A 477 13.59 33.62 7.72
N ILE A 478 13.51 34.06 6.46
CA ILE A 478 14.49 33.68 5.45
C ILE A 478 14.93 34.94 4.70
N SER A 479 16.12 34.86 4.11
CA SER A 479 16.70 35.97 3.38
C SER A 479 16.20 35.99 1.93
N ASP A 480 16.66 36.96 1.15
CA ASP A 480 16.21 37.12 -0.23
C ASP A 480 16.84 36.08 -1.16
N HIS A 481 18.08 35.67 -0.87
CA HIS A 481 18.69 34.61 -1.67
C HIS A 481 17.86 33.33 -1.62
N GLU A 482 17.37 32.98 -0.43
CA GLU A 482 16.49 31.83 -0.30
C GLU A 482 15.15 32.07 -0.99
N CYS A 483 14.64 33.31 -0.97
CA CYS A 483 13.45 33.64 -1.74
C CYS A 483 13.64 33.25 -3.21
N GLN A 484 14.74 33.72 -3.80
CA GLN A 484 15.01 33.44 -5.21
C GLN A 484 15.23 31.94 -5.45
N GLU A 485 15.95 31.28 -4.54
CA GLU A 485 16.24 29.86 -4.71
C GLU A 485 14.95 29.04 -4.73
N LEU A 486 14.07 29.26 -3.76
CA LEU A 486 12.82 28.52 -3.72
C LEU A 486 11.93 28.87 -4.91
N GLN A 487 11.92 30.14 -5.32
CA GLN A 487 11.11 30.53 -6.47
C GLN A 487 11.56 29.82 -7.73
N ARG A 488 12.88 29.76 -7.96
CA ARG A 488 13.38 29.06 -9.14
C ARG A 488 13.17 27.55 -9.03
N LEU A 489 13.25 27.00 -7.82
CA LEU A 489 12.97 25.58 -7.65
C LEU A 489 11.53 25.24 -8.02
N THR A 490 10.58 26.08 -7.61
CA THR A 490 9.19 25.79 -7.92
C THR A 490 8.79 26.22 -9.32
N ASN A 491 9.60 27.04 -10.00
CA ASN A 491 9.33 27.37 -11.38
C ASN A 491 9.93 26.35 -12.35
N VAL A 492 11.11 25.83 -12.05
CA VAL A 492 11.74 24.84 -12.92
C VAL A 492 10.98 23.51 -12.86
N ALA A 493 10.55 23.10 -11.67
CA ALA A 493 9.89 21.82 -11.49
C ALA A 493 8.52 21.75 -12.14
N ALA A 494 7.96 22.89 -12.58
CA ALA A 494 6.64 22.87 -13.19
C ALA A 494 6.62 22.03 -14.47
N THR A 495 7.66 22.16 -15.29
CA THR A 495 7.74 21.41 -16.54
C THR A 495 8.77 20.29 -16.45
N GLU A 511 -7.35 30.54 -12.92
CA GLU A 511 -5.95 30.55 -12.52
C GLU A 511 -5.36 29.15 -12.58
N LYS A 512 -4.04 29.07 -12.63
CA LYS A 512 -3.31 27.81 -12.65
C LYS A 512 -2.76 27.51 -11.26
N PHE A 513 -2.34 26.27 -11.07
CA PHE A 513 -1.95 25.81 -9.73
C PHE A 513 -0.99 24.63 -9.87
N TYR A 514 0.21 24.78 -9.30
CA TYR A 514 1.18 23.69 -9.25
C TYR A 514 1.82 23.68 -7.87
N GLY A 515 1.86 22.52 -7.24
CA GLY A 515 2.51 22.35 -5.95
C GLY A 515 3.37 21.11 -5.93
N VAL A 516 4.55 21.22 -5.32
CA VAL A 516 5.50 20.12 -5.23
C VAL A 516 5.82 19.87 -3.76
N THR A 517 5.84 18.59 -3.38
CA THR A 517 6.17 18.20 -2.02
C THR A 517 7.68 18.01 -1.88
N VAL A 518 8.16 17.92 -0.64
CA VAL A 518 9.60 17.87 -0.40
C VAL A 518 10.18 16.56 -0.90
N PHE A 519 9.46 15.45 -0.74
CA PHE A 519 9.97 14.17 -1.21
C PHE A 519 10.11 14.13 -2.72
N LYS A 520 9.10 14.65 -3.44
CA LYS A 520 9.20 14.69 -4.90
C LYS A 520 10.30 15.63 -5.35
N ALA A 521 10.49 16.75 -4.64
CA ALA A 521 11.59 17.65 -4.97
C ALA A 521 12.95 16.96 -4.79
N LEU A 522 13.10 16.18 -3.71
CA LEU A 522 14.35 15.45 -3.51
C LEU A 522 14.55 14.40 -4.60
N LYS A 523 13.50 13.68 -4.97
CA LYS A 523 13.63 12.69 -6.03
C LYS A 523 13.99 13.33 -7.36
N LEU A 524 13.36 14.46 -7.68
CA LEU A 524 13.68 15.16 -8.93
C LEU A 524 15.11 15.67 -8.93
N GLY A 525 15.58 16.17 -7.78
CA GLY A 525 16.97 16.58 -7.68
C GLY A 525 17.92 15.40 -7.86
N GLN A 526 17.53 14.23 -7.35
CA GLN A 526 18.35 13.04 -7.56
C GLN A 526 18.40 12.66 -9.03
N GLU A 527 17.26 12.72 -9.72
CA GLU A 527 17.23 12.34 -11.14
C GLU A 527 18.06 13.29 -11.99
N GLY A 528 18.00 14.59 -11.71
CA GLY A 528 18.77 15.58 -12.45
C GLY A 528 17.94 16.65 -13.12
N LYS A 529 16.68 16.85 -12.76
CA LYS A 529 15.86 17.86 -13.41
C LYS A 529 15.91 19.19 -12.67
N VAL A 530 16.06 19.16 -11.35
CA VAL A 530 16.14 20.37 -10.54
C VAL A 530 17.42 20.31 -9.72
N PRO A 531 17.97 21.45 -9.31
CA PRO A 531 19.18 21.42 -8.48
C PRO A 531 18.91 20.76 -7.13
N LEU A 532 19.92 20.08 -6.60
CA LEU A 532 19.79 19.37 -5.33
C LEU A 532 19.85 20.31 -4.14
N GLN A 533 20.66 21.37 -4.23
CA GLN A 533 20.79 22.29 -3.10
C GLN A 533 19.47 23.00 -2.81
N SER A 534 18.66 23.23 -3.85
CA SER A 534 17.34 23.81 -3.63
C SER A 534 16.45 22.88 -2.82
N ALA A 535 16.47 21.58 -3.14
CA ALA A 535 15.70 20.62 -2.36
C ALA A 535 16.18 20.54 -0.92
N HIS A 536 17.50 20.56 -0.71
CA HIS A 536 18.01 20.55 0.66
C HIS A 536 17.61 21.81 1.42
N LEU A 537 17.62 22.96 0.75
CA LEU A 537 17.20 24.20 1.40
C LEU A 537 15.72 24.16 1.75
N TYR A 538 14.90 23.58 0.88
CA TYR A 538 13.47 23.41 1.17
C TYR A 538 13.27 22.55 2.40
N TYR A 539 14.00 21.44 2.48
CA TYR A 539 13.95 20.56 3.65
C TYR A 539 14.33 21.33 4.92
N ASN A 540 15.42 22.08 4.85
CA ASN A 540 15.90 22.83 6.01
C ASN A 540 14.89 23.88 6.46
N VAL A 541 14.30 24.61 5.52
CA VAL A 541 13.36 25.67 5.89
C VAL A 541 12.09 25.07 6.49
N THR A 542 11.67 23.91 5.98
CA THR A 542 10.50 23.24 6.58
C THR A 542 10.77 22.87 8.03
N GLU A 543 11.94 22.28 8.30
CA GLU A 543 12.27 21.92 9.68
C GLU A 543 12.39 23.16 10.57
N LYS A 544 12.98 24.24 10.05
CA LYS A 544 13.13 25.46 10.83
C LYS A 544 11.78 26.05 11.20
N VAL A 545 10.84 26.08 10.24
CA VAL A 545 9.52 26.61 10.55
C VAL A 545 8.79 25.73 11.55
N ARG A 546 8.97 24.40 11.45
CA ARG A 546 8.36 23.53 12.45
C ARG A 546 8.87 23.86 13.85
N ARG A 547 10.19 24.00 14.00
CA ARG A 547 10.74 24.29 15.31
C ARG A 547 10.25 25.63 15.84
N ILE A 548 10.22 26.66 14.98
CA ILE A 548 9.79 27.98 15.42
C ILE A 548 8.33 27.95 15.87
N MET A 549 7.47 27.30 15.07
CA MET A 549 6.06 27.21 15.42
C MET A 549 5.85 26.44 16.72
N GLU A 550 6.61 25.36 16.92
CA GLU A 550 6.49 24.61 18.16
C GLU A 550 6.91 25.44 19.36
N SER A 551 7.97 26.24 19.21
CA SER A 551 8.49 26.96 20.36
C SER A 551 7.63 28.18 20.71
N TYR A 552 7.08 28.86 19.71
CA TYR A 552 6.37 30.11 20.00
C TYR A 552 5.08 29.86 20.79
N PHE A 553 4.32 28.84 20.43
CA PHE A 553 3.00 28.61 21.00
C PHE A 553 3.04 27.86 22.31
N ARG A 554 4.22 27.64 22.89
CA ARG A 554 4.38 27.03 24.20
C ARG A 554 3.73 25.65 24.26
N LEU A 555 4.28 24.73 23.46
CA LEU A 555 3.79 23.38 23.36
C LEU A 555 4.72 22.43 24.12
N ASP A 556 4.14 21.54 24.91
CA ASP A 556 4.91 20.54 25.64
C ASP A 556 4.95 19.21 24.89
N THR A 557 3.80 18.73 24.42
CA THR A 557 3.77 17.57 23.56
C THR A 557 4.47 17.90 22.24
N PRO A 558 5.30 16.99 21.73
CA PRO A 558 6.03 17.28 20.48
C PRO A 558 5.08 17.49 19.31
N LEU A 559 5.51 18.33 18.37
CA LEU A 559 4.71 18.67 17.21
C LEU A 559 5.22 17.90 16.00
N TYR A 560 4.32 17.15 15.37
CA TYR A 560 4.66 16.28 14.26
C TYR A 560 4.31 16.94 12.93
N PHE A 561 4.66 16.26 11.85
CA PHE A 561 4.40 16.76 10.51
C PHE A 561 3.15 16.09 9.94
N SER A 562 2.38 16.84 9.16
CA SER A 562 1.20 16.31 8.51
C SER A 562 1.25 16.45 7.00
N TYR A 563 1.69 17.61 6.49
CA TYR A 563 1.75 17.85 5.06
C TYR A 563 2.53 19.12 4.81
N SER A 564 3.18 19.17 3.65
CA SER A 564 3.89 20.35 3.18
C SER A 564 3.65 20.48 1.69
N HIS A 565 3.75 21.71 1.17
CA HIS A 565 3.33 21.95 -0.20
C HIS A 565 3.90 23.29 -0.66
N LEU A 566 4.56 23.29 -1.81
CA LEU A 566 5.14 24.50 -2.38
C LEU A 566 4.28 24.92 -3.58
N VAL A 567 3.35 25.83 -3.33
CA VAL A 567 2.34 26.17 -4.32
C VAL A 567 2.79 27.38 -5.13
N CYS A 568 2.11 27.60 -6.25
CA CYS A 568 2.41 28.73 -7.13
C CYS A 568 1.15 29.04 -7.93
N ARG A 569 0.63 30.25 -7.76
CA ARG A 569 -0.62 30.66 -8.40
C ARG A 569 -0.32 31.70 -9.47
N THR A 570 -0.78 31.44 -10.69
CA THR A 570 -0.60 32.33 -11.82
C THR A 570 -1.95 32.85 -12.26
N ALA A 571 -2.00 34.13 -12.64
CA ALA A 571 -3.23 34.75 -13.12
C ALA A 571 -3.15 34.97 -14.62
N ILE A 572 -4.07 34.34 -15.36
CA ILE A 572 -4.12 34.51 -16.80
C ILE A 572 -4.92 35.76 -17.11
N GLU A 573 -4.32 36.66 -17.90
CA GLU A 573 -4.93 37.95 -18.19
C GLU A 573 -5.89 37.90 -19.38
N GLU A 574 -6.06 36.75 -20.01
CA GLU A 574 -7.03 36.61 -21.09
C GLU A 574 -8.44 36.35 -20.58
N VAL A 575 -8.59 35.98 -19.30
CA VAL A 575 -9.90 35.70 -18.72
C VAL A 575 -10.06 36.57 -17.49
N GLN A 576 -9.40 37.73 -17.47
CA GLN A 576 -9.46 38.65 -16.34
C GLN A 576 -10.66 39.59 -16.42
N ALA A 577 -11.48 39.49 -17.46
CA ALA A 577 -12.66 40.34 -17.59
C ALA A 577 -13.80 39.77 -16.76
N GLU A 578 -14.25 40.54 -15.77
CA GLU A 578 -15.38 40.17 -14.91
C GLU A 578 -15.10 38.84 -14.22
N ARG A 579 -14.14 38.88 -13.29
CA ARG A 579 -13.84 37.76 -12.40
C ARG A 579 -14.24 38.17 -10.99
N LYS A 580 -15.34 37.60 -10.49
CA LYS A 580 -15.90 37.98 -9.20
C LYS A 580 -15.87 36.81 -8.21
N ASP A 581 -14.77 36.06 -8.20
CA ASP A 581 -14.57 35.00 -7.24
C ASP A 581 -13.15 35.06 -6.70
N ASP A 582 -12.98 34.56 -5.48
CA ASP A 582 -11.69 34.55 -4.83
C ASP A 582 -10.83 33.40 -5.32
N SER A 583 -9.51 33.55 -5.16
CA SER A 583 -8.60 32.46 -5.50
C SER A 583 -8.76 31.28 -4.56
N HIS A 584 -9.29 31.50 -3.36
CA HIS A 584 -9.53 30.44 -2.39
C HIS A 584 -10.71 30.82 -1.51
N PRO A 585 -11.80 30.05 -1.54
CA PRO A 585 -12.97 30.38 -0.71
C PRO A 585 -12.64 30.24 0.77
N VAL A 586 -13.43 30.95 1.58
CA VAL A 586 -13.26 30.91 3.02
C VAL A 586 -13.59 29.52 3.54
N HIS A 587 -12.68 28.94 4.32
CA HIS A 587 -12.83 27.57 4.78
C HIS A 587 -12.23 27.44 6.18
N VAL A 588 -12.22 26.21 6.69
CA VAL A 588 -11.59 25.87 7.95
C VAL A 588 -10.80 24.59 7.74
N ASP A 589 -9.54 24.57 8.20
CA ASP A 589 -8.69 23.42 7.93
C ASP A 589 -9.11 22.18 8.70
N ASN A 590 -9.85 22.33 9.80
CA ASN A 590 -10.27 21.19 10.61
C ASN A 590 -11.67 20.71 10.22
N CYS A 591 -12.66 21.58 10.32
CA CYS A 591 -14.04 21.20 10.04
C CYS A 591 -14.27 21.14 8.54
N ILE A 592 -15.53 21.03 8.15
CA ILE A 592 -16.03 21.47 6.86
C ILE A 592 -17.10 22.53 7.14
N LEU A 593 -16.97 23.67 6.47
CA LEU A 593 -17.75 24.84 6.89
C LEU A 593 -19.13 24.85 6.27
N ASN A 594 -20.12 25.25 7.07
CA ASN A 594 -21.50 25.44 6.62
C ASN A 594 -21.96 26.79 7.20
N ALA A 595 -21.78 27.84 6.41
CA ALA A 595 -22.06 29.19 6.87
C ALA A 595 -23.56 29.47 7.02
N GLU A 596 -24.42 28.58 6.55
CA GLU A 596 -25.86 28.80 6.67
C GLU A 596 -26.32 28.72 8.13
N THR A 597 -25.67 27.90 8.94
CA THR A 597 -26.04 27.74 10.34
C THR A 597 -24.94 28.17 11.30
N LEU A 598 -23.82 28.69 10.79
CA LEU A 598 -22.71 29.19 11.61
C LEU A 598 -22.20 28.10 12.54
N VAL A 599 -21.74 27.02 11.93
CA VAL A 599 -21.19 25.87 12.67
C VAL A 599 -20.48 24.98 11.66
N CYS A 600 -19.52 24.18 12.15
CA CYS A 600 -18.92 23.16 11.31
C CYS A 600 -19.09 21.80 11.98
N VAL A 601 -18.95 20.75 11.17
CA VAL A 601 -18.96 19.38 11.67
C VAL A 601 -17.66 18.69 11.24
N LYS A 602 -16.99 18.05 12.19
CA LYS A 602 -15.71 17.39 11.94
C LYS A 602 -15.98 15.95 11.52
N GLU A 603 -15.72 15.65 10.25
CA GLU A 603 -16.05 14.35 9.68
C GLU A 603 -14.90 13.82 8.84
N PRO A 604 -14.89 12.52 8.52
CA PRO A 604 -13.80 11.93 7.72
C PRO A 604 -13.51 12.68 6.43
N PRO A 605 -14.53 13.24 5.72
CA PRO A 605 -14.21 13.98 4.49
C PRO A 605 -13.24 15.15 4.69
N ALA A 606 -13.05 15.59 5.93
CA ALA A 606 -12.10 16.64 6.25
C ALA A 606 -11.01 16.06 7.14
N TYR A 607 -9.80 16.61 7.00
CA TYR A 607 -8.66 16.18 7.80
C TYR A 607 -8.80 16.77 9.19
N THR A 608 -9.39 15.99 10.09
CA THR A 608 -9.67 16.47 11.45
C THR A 608 -8.49 16.33 12.39
N PHE A 609 -7.39 15.74 11.96
CA PHE A 609 -6.25 15.52 12.85
C PHE A 609 -5.26 16.67 12.85
N ARG A 610 -5.46 17.68 12.01
CA ARG A 610 -4.55 18.81 11.97
C ARG A 610 -4.79 19.74 13.16
N ASP A 611 -3.72 20.28 13.71
CA ASP A 611 -3.81 21.14 14.89
C ASP A 611 -3.35 22.56 14.61
N TYR A 612 -2.26 22.74 13.87
CA TYR A 612 -1.69 24.05 13.63
C TYR A 612 -1.39 24.23 12.14
N SER A 613 -1.37 25.48 11.70
CA SER A 613 -1.08 25.82 10.31
C SER A 613 -0.07 26.95 10.26
N ALA A 614 0.68 27.00 9.16
CA ALA A 614 1.66 28.06 8.94
C ALA A 614 1.79 28.29 7.44
N ILE A 615 1.98 29.55 7.06
CA ILE A 615 2.16 29.94 5.67
C ILE A 615 3.37 30.84 5.57
N LEU A 616 4.27 30.54 4.64
CA LEU A 616 5.49 31.30 4.43
C LEU A 616 5.53 31.77 2.99
N TYR A 617 5.65 33.09 2.80
CA TYR A 617 5.56 33.69 1.48
C TYR A 617 6.94 33.83 0.86
N LEU A 618 6.97 33.86 -0.48
CA LEU A 618 8.23 33.87 -1.21
C LEU A 618 8.41 35.05 -2.17
N ASN A 619 7.37 35.84 -2.44
CA ASN A 619 7.53 37.00 -3.31
C ASN A 619 6.41 38.00 -3.02
N GLY A 620 6.60 39.22 -3.51
CA GLY A 620 5.65 40.28 -3.24
C GLY A 620 5.35 41.21 -4.41
N ASP A 621 5.40 40.70 -5.63
CA ASP A 621 5.17 41.49 -6.84
C ASP A 621 3.97 40.92 -7.61
N PHE A 622 2.78 41.34 -7.21
CA PHE A 622 1.54 40.97 -7.90
C PHE A 622 0.45 41.93 -7.46
N ASP A 623 -0.77 41.68 -7.91
CA ASP A 623 -1.94 42.47 -7.54
C ASP A 623 -2.93 41.56 -6.82
N GLY A 624 -3.36 41.99 -5.63
CA GLY A 624 -4.28 41.19 -4.86
C GLY A 624 -3.55 40.11 -4.06
N GLY A 625 -4.22 38.97 -3.90
CA GLY A 625 -3.62 37.85 -3.21
C GLY A 625 -3.51 38.01 -1.71
N ASN A 626 -4.21 38.98 -1.13
CA ASN A 626 -4.10 39.22 0.31
C ASN A 626 -4.67 38.05 1.09
N PHE A 627 -4.07 37.78 2.24
CA PHE A 627 -4.55 36.79 3.18
C PHE A 627 -5.37 37.49 4.26
N TYR A 628 -6.60 37.03 4.47
CA TYR A 628 -7.47 37.67 5.44
C TYR A 628 -8.19 36.62 6.30
N PHE A 629 -8.34 36.94 7.58
CA PHE A 629 -9.14 36.13 8.49
C PHE A 629 -10.57 36.63 8.48
N THR A 630 -11.52 35.70 8.66
CA THR A 630 -12.94 36.00 8.60
C THR A 630 -13.64 35.36 9.79
N GLU A 631 -14.74 35.98 10.22
CA GLU A 631 -15.52 35.40 11.31
C GLU A 631 -16.30 34.19 10.79
N LEU A 632 -17.16 33.65 11.66
CA LEU A 632 -17.81 32.38 11.35
C LEU A 632 -18.70 32.48 10.11
N ASP A 633 -19.46 33.57 9.97
CA ASP A 633 -20.19 33.84 8.74
C ASP A 633 -19.23 34.54 7.79
N ALA A 634 -18.99 33.92 6.62
CA ALA A 634 -17.89 34.30 5.74
C ALA A 634 -18.28 35.52 4.91
N LYS A 635 -18.44 36.65 5.59
CA LYS A 635 -18.70 37.91 4.89
C LYS A 635 -17.94 39.12 5.42
N THR A 636 -17.35 39.06 6.62
CA THR A 636 -16.74 40.23 7.25
C THR A 636 -15.29 39.94 7.55
N VAL A 637 -14.38 40.77 7.02
CA VAL A 637 -12.96 40.60 7.27
C VAL A 637 -12.63 41.07 8.68
N THR A 638 -11.70 40.38 9.33
CA THR A 638 -11.23 40.74 10.67
C THR A 638 -9.78 41.20 10.68
N ALA A 639 -8.94 40.65 9.81
CA ALA A 639 -7.54 41.06 9.71
C ALA A 639 -7.05 40.81 8.29
N GLU A 640 -5.96 41.48 7.94
CA GLU A 640 -5.40 41.37 6.60
C GLU A 640 -3.89 41.54 6.65
N VAL A 641 -3.17 40.70 5.91
CA VAL A 641 -1.72 40.75 5.86
C VAL A 641 -1.28 40.94 4.41
N GLN A 642 -0.08 41.48 4.23
CA GLN A 642 0.47 41.78 2.92
C GLN A 642 1.67 40.87 2.66
N PRO A 643 1.64 40.04 1.61
CA PRO A 643 2.73 39.07 1.41
C PRO A 643 4.05 39.70 1.02
N GLN A 644 5.10 39.30 1.73
CA GLN A 644 6.49 39.60 1.41
C GLN A 644 7.31 38.43 1.93
N CYS A 645 8.38 38.05 1.23
CA CYS A 645 9.06 36.84 1.67
C CYS A 645 9.86 37.13 2.92
N GLY A 646 9.87 36.16 3.82
CA GLY A 646 10.26 36.39 5.20
C GLY A 646 9.09 36.56 6.14
N ARG A 647 7.87 36.59 5.61
CA ARG A 647 6.67 36.66 6.41
C ARG A 647 6.17 35.25 6.70
N ALA A 648 5.85 34.97 7.95
CA ALA A 648 5.26 33.70 8.35
C ALA A 648 3.98 34.00 9.10
N VAL A 649 2.88 33.40 8.65
CA VAL A 649 1.59 33.53 9.31
C VAL A 649 1.30 32.21 10.01
N GLY A 650 1.26 32.24 11.33
CA GLY A 650 1.00 31.05 12.10
C GLY A 650 -0.26 31.16 12.92
N PHE A 651 -1.08 30.10 12.92
CA PHE A 651 -2.33 30.12 13.66
C PHE A 651 -2.75 28.70 13.95
N SER A 652 -3.69 28.55 14.88
CA SER A 652 -4.30 27.25 15.13
C SER A 652 -5.42 27.03 14.12
N SER A 653 -5.53 25.79 13.63
CA SER A 653 -6.44 25.48 12.54
C SER A 653 -7.80 24.99 13.02
N GLY A 654 -8.27 25.47 14.16
CA GLY A 654 -9.57 25.10 14.66
C GLY A 654 -10.67 25.91 13.99
N THR A 655 -11.80 25.99 14.68
CA THR A 655 -12.96 26.73 14.18
C THR A 655 -12.92 28.20 14.55
N GLU A 656 -11.89 28.64 15.26
CA GLU A 656 -11.77 30.05 15.64
C GLU A 656 -11.04 30.89 14.59
N ASN A 657 -10.44 30.26 13.59
CA ASN A 657 -9.61 30.95 12.60
C ASN A 657 -10.03 30.54 11.19
N PRO A 658 -11.18 31.01 10.71
CA PRO A 658 -11.53 30.82 9.29
C PRO A 658 -10.82 31.85 8.43
N HIS A 659 -10.16 31.38 7.38
CA HIS A 659 -9.30 32.22 6.55
C HIS A 659 -9.66 32.04 5.08
N GLY A 660 -9.07 32.89 4.25
CA GLY A 660 -9.27 32.81 2.82
C GLY A 660 -8.28 33.69 2.10
N VAL A 661 -8.18 33.48 0.78
CA VAL A 661 -7.23 34.18 -0.07
C VAL A 661 -8.02 34.98 -1.10
N LYS A 662 -7.65 36.25 -1.27
CA LYS A 662 -8.32 37.09 -2.26
C LYS A 662 -7.90 36.69 -3.67
N ALA A 663 -8.45 37.40 -4.65
CA ALA A 663 -8.19 37.08 -6.05
C ALA A 663 -6.82 37.59 -6.46
N VAL A 664 -6.11 36.79 -7.26
CA VAL A 664 -4.80 37.14 -7.78
C VAL A 664 -4.96 37.56 -9.23
N THR A 665 -4.46 38.76 -9.55
CA THR A 665 -4.52 39.29 -10.92
C THR A 665 -3.13 39.76 -11.33
N ARG A 666 -2.68 39.29 -12.49
CA ARG A 666 -1.46 39.78 -13.13
C ARG A 666 -0.24 39.62 -12.21
N GLY A 667 0.11 38.37 -11.96
CA GLY A 667 1.33 38.09 -11.24
C GLY A 667 1.38 36.65 -10.77
N GLN A 668 2.39 36.38 -9.94
CA GLN A 668 2.64 35.07 -9.35
C GLN A 668 2.63 35.17 -7.84
N ARG A 669 2.02 34.19 -7.19
CA ARG A 669 2.01 34.10 -5.73
C ARG A 669 2.65 32.78 -5.34
N CYS A 670 3.84 32.84 -4.76
CA CYS A 670 4.57 31.66 -4.32
C CYS A 670 4.56 31.60 -2.80
N ALA A 671 4.28 30.42 -2.26
CA ALA A 671 4.21 30.26 -0.81
C ALA A 671 4.39 28.79 -0.46
N ILE A 672 4.70 28.54 0.80
CA ILE A 672 4.80 27.20 1.35
C ILE A 672 3.73 27.05 2.42
N ALA A 673 2.93 25.99 2.32
CA ALA A 673 1.85 25.72 3.26
C ALA A 673 2.19 24.51 4.10
N LEU A 674 2.09 24.64 5.41
CA LEU A 674 2.49 23.60 6.35
C LEU A 674 1.40 23.37 7.39
N TRP A 675 1.07 22.11 7.63
CA TRP A 675 0.08 21.72 8.63
C TRP A 675 0.71 20.70 9.57
N PHE A 676 0.43 20.85 10.87
CA PHE A 676 1.06 20.04 11.90
C PHE A 676 0.00 19.33 12.73
N THR A 677 0.37 18.19 13.30
CA THR A 677 -0.50 17.42 14.17
C THR A 677 0.19 17.15 15.49
N LEU A 678 -0.63 16.92 16.53
CA LEU A 678 -0.13 16.51 17.83
C LEU A 678 -0.31 15.02 18.08
N ASP A 679 -0.79 14.26 17.09
CA ASP A 679 -1.05 12.84 17.24
C ASP A 679 0.03 12.06 16.49
N PRO A 680 0.85 11.26 17.18
CA PRO A 680 1.95 10.58 16.47
C PRO A 680 1.48 9.57 15.43
N ARG A 681 0.23 9.10 15.52
CA ARG A 681 -0.25 8.12 14.55
C ARG A 681 -0.57 8.77 13.21
N HIS A 682 -1.12 9.99 13.23
CA HIS A 682 -1.46 10.71 12.01
C HIS A 682 -0.31 11.63 11.64
N SER A 683 0.86 11.04 11.44
CA SER A 683 2.04 11.75 10.98
C SER A 683 2.19 11.54 9.48
N GLU A 684 3.08 12.33 8.89
CA GLU A 684 3.36 12.18 7.46
C GLU A 684 4.23 10.95 7.24
N ARG A 685 3.78 10.06 6.35
CA ARG A 685 4.54 8.86 6.05
C ARG A 685 5.63 9.09 5.03
N ASP A 686 5.64 10.26 4.37
CA ASP A 686 6.67 10.57 3.39
C ASP A 686 7.87 11.28 3.99
N ARG A 687 7.80 11.71 5.25
CA ARG A 687 8.94 12.40 5.85
C ARG A 687 10.05 11.41 6.25
N VAL A 688 9.68 10.18 6.62
CA VAL A 688 10.69 9.18 6.92
C VAL A 688 11.51 8.85 5.69
N GLN A 689 10.83 8.65 4.56
CA GLN A 689 11.53 8.35 3.31
C GLN A 689 12.39 9.53 2.86
N ALA A 690 11.87 10.76 3.03
CA ALA A 690 12.66 11.94 2.66
C ALA A 690 13.90 12.06 3.53
N ASP A 691 13.77 11.79 4.83
CA ASP A 691 14.93 11.85 5.71
C ASP A 691 15.94 10.76 5.37
N ASP A 692 15.47 9.57 5.02
CA ASP A 692 16.37 8.51 4.58
C ASP A 692 17.09 8.90 3.29
N LEU A 693 16.37 9.53 2.35
CA LEU A 693 17.00 10.02 1.13
C LEU A 693 18.08 11.05 1.44
N VAL A 694 17.77 12.02 2.31
CA VAL A 694 18.73 13.07 2.62
C VAL A 694 19.95 12.50 3.32
N LYS A 695 19.74 11.49 4.18
CA LYS A 695 20.86 10.89 4.89
C LYS A 695 21.85 10.24 3.94
N MET A 696 21.36 9.54 2.93
CA MET A 696 22.22 8.79 2.02
C MET A 696 22.70 9.62 0.84
N LEU A 697 22.17 10.83 0.64
CA LEU A 697 22.59 11.66 -0.48
C LEU A 697 23.70 12.64 -0.13
N PHE A 698 23.71 13.16 1.10
CA PHE A 698 24.67 14.19 1.49
C PHE A 698 25.62 13.76 2.59
N SER A 699 25.26 12.78 3.41
CA SER A 699 26.13 12.27 4.47
C SER A 699 26.11 10.76 4.44
N PRO A 700 26.70 10.14 3.40
CA PRO A 700 26.65 8.69 3.21
C PRO A 700 27.81 7.96 3.89
N GLN B 27 34.12 -3.07 -24.21
CA GLN B 27 33.09 -2.48 -23.36
C GLN B 27 33.16 -3.05 -21.95
N TYR B 28 33.81 -4.20 -21.81
CA TYR B 28 33.92 -4.87 -20.52
C TYR B 28 35.36 -5.14 -20.10
N GLU B 29 36.35 -4.67 -20.88
CA GLU B 29 37.74 -4.93 -20.53
C GLU B 29 38.15 -4.13 -19.28
N ARG B 30 37.79 -2.85 -19.25
CA ARG B 30 38.12 -1.98 -18.12
C ARG B 30 36.95 -1.89 -17.13
N TYR B 31 36.59 -3.04 -16.58
CA TYR B 31 35.49 -3.15 -15.63
C TYR B 31 35.97 -3.78 -14.34
N SER B 32 35.61 -3.18 -13.21
CA SER B 32 35.89 -3.75 -11.90
C SER B 32 34.74 -3.41 -10.98
N PHE B 33 34.18 -4.43 -10.30
CA PHE B 33 33.04 -4.19 -9.43
C PHE B 33 33.44 -3.38 -8.21
N ARG B 34 34.62 -3.64 -7.64
CA ARG B 34 35.04 -2.93 -6.44
C ARG B 34 35.45 -1.50 -6.78
N SER B 35 36.47 -1.34 -7.62
CA SER B 35 37.01 -0.03 -7.97
C SER B 35 36.36 0.43 -9.28
N PHE B 36 35.14 0.95 -9.18
CA PHE B 36 34.45 1.50 -10.33
C PHE B 36 34.75 3.00 -10.43
N PRO B 37 35.18 3.49 -11.59
CA PRO B 37 35.51 4.91 -11.71
C PRO B 37 34.31 5.80 -11.41
N ARG B 38 34.49 6.73 -10.48
CA ARG B 38 33.42 7.62 -10.06
C ARG B 38 33.07 8.66 -11.12
N ASP B 39 33.87 8.78 -12.18
CA ASP B 39 33.60 9.78 -13.20
C ASP B 39 32.34 9.47 -14.00
N GLU B 40 32.06 8.19 -14.24
CA GLU B 40 30.96 7.77 -15.09
C GLU B 40 29.74 7.30 -14.30
N LEU B 41 29.68 7.59 -13.01
CA LEU B 41 28.55 7.17 -12.19
C LEU B 41 27.39 8.13 -12.44
N MET B 42 26.46 7.70 -13.29
CA MET B 42 25.26 8.43 -13.63
C MET B 42 24.08 7.47 -13.61
N PRO B 43 22.85 7.98 -13.53
CA PRO B 43 21.69 7.10 -13.67
C PRO B 43 21.73 6.38 -15.02
N LEU B 44 21.30 5.12 -15.02
CA LEU B 44 21.33 4.32 -16.23
C LEU B 44 20.42 4.90 -17.31
N GLU B 45 19.23 5.38 -16.90
CA GLU B 45 18.29 5.92 -17.87
C GLU B 45 18.84 7.18 -18.54
N SER B 46 19.53 8.03 -17.78
CA SER B 46 20.09 9.24 -18.38
C SER B 46 21.19 8.91 -19.38
N ALA B 47 22.05 7.95 -19.04
CA ALA B 47 23.10 7.55 -19.96
C ALA B 47 22.52 6.95 -21.24
N TYR B 48 21.49 6.11 -21.10
CA TYR B 48 20.85 5.54 -22.28
C TYR B 48 20.19 6.62 -23.13
N ARG B 49 19.54 7.59 -22.48
CA ARG B 49 18.89 8.68 -23.22
C ARG B 49 19.90 9.51 -23.98
N HIS B 50 21.02 9.86 -23.34
CA HIS B 50 22.06 10.62 -24.03
C HIS B 50 22.64 9.82 -25.20
N ALA B 51 22.87 8.52 -24.99
CA ALA B 51 23.40 7.69 -26.06
C ALA B 51 22.46 7.65 -27.25
N LEU B 52 21.17 7.45 -27.00
CA LEU B 52 20.20 7.41 -28.10
C LEU B 52 20.09 8.77 -28.79
N ASP B 53 20.10 9.86 -28.02
CA ASP B 53 19.99 11.19 -28.61
C ASP B 53 21.17 11.49 -29.51
N LYS B 54 22.38 11.13 -29.08
CA LYS B 54 23.54 11.36 -29.93
C LYS B 54 23.58 10.40 -31.10
N TYR B 55 23.03 9.19 -30.93
CA TYR B 55 22.94 8.25 -32.05
C TYR B 55 22.02 8.78 -33.13
N SER B 56 20.89 9.37 -32.75
CA SER B 56 19.98 9.95 -33.73
C SER B 56 20.53 11.23 -34.34
N GLY B 57 21.54 11.84 -33.72
CA GLY B 57 22.09 13.09 -34.20
C GLY B 57 23.28 12.92 -35.12
N GLU B 58 23.45 11.71 -35.66
CA GLU B 58 24.51 11.40 -36.62
C GLU B 58 25.91 11.61 -36.02
N HIS B 59 26.04 11.42 -34.71
CA HIS B 59 27.32 11.39 -34.03
C HIS B 59 27.58 9.98 -33.54
N TRP B 60 28.75 9.43 -33.86
CA TRP B 60 29.02 8.01 -33.68
C TRP B 60 29.89 7.70 -32.47
N ALA B 61 31.07 8.29 -32.38
CA ALA B 61 32.01 7.91 -31.31
C ALA B 61 31.43 8.20 -29.93
N GLU B 62 30.82 9.37 -29.75
CA GLU B 62 30.23 9.71 -28.46
C GLU B 62 29.07 8.77 -28.13
N SER B 63 28.26 8.42 -29.13
CA SER B 63 27.18 7.47 -28.90
C SER B 63 27.73 6.10 -28.51
N VAL B 64 28.84 5.69 -29.14
CA VAL B 64 29.47 4.41 -28.78
C VAL B 64 29.91 4.45 -27.32
N GLY B 65 30.59 5.53 -26.92
CA GLY B 65 31.05 5.64 -25.55
C GLY B 65 29.91 5.63 -24.55
N TYR B 66 28.82 6.34 -24.86
CA TYR B 66 27.69 6.39 -23.93
C TYR B 66 26.97 5.06 -23.84
N LEU B 67 26.83 4.35 -24.97
CA LEU B 67 26.21 3.02 -24.93
C LEU B 67 27.06 2.05 -24.13
N GLU B 68 28.38 2.10 -24.30
CA GLU B 68 29.26 1.25 -23.49
C GLU B 68 29.14 1.58 -22.02
N ILE B 69 29.05 2.87 -21.68
CA ILE B 69 28.89 3.27 -20.28
C ILE B 69 27.58 2.74 -19.72
N SER B 70 26.51 2.78 -20.51
CA SER B 70 25.22 2.25 -20.06
C SER B 70 25.30 0.75 -19.82
N LEU B 71 25.98 0.02 -20.71
CA LEU B 71 26.15 -1.42 -20.50
C LEU B 71 26.92 -1.71 -19.22
N ARG B 72 28.00 -0.96 -18.98
CA ARG B 72 28.77 -1.16 -17.76
C ARG B 72 27.94 -0.83 -16.52
N LEU B 73 27.09 0.20 -16.60
CA LEU B 73 26.24 0.53 -15.47
C LEU B 73 25.22 -0.57 -15.20
N HIS B 74 24.65 -1.16 -16.25
CA HIS B 74 23.72 -2.26 -16.04
C HIS B 74 24.41 -3.46 -15.40
N ARG B 75 25.61 -3.79 -15.88
CA ARG B 75 26.35 -4.90 -15.27
C ARG B 75 26.67 -4.61 -13.82
N LEU B 76 27.05 -3.37 -13.50
CA LEU B 76 27.34 -3.01 -12.11
C LEU B 76 26.09 -3.13 -11.25
N LEU B 77 24.94 -2.70 -11.77
CA LEU B 77 23.70 -2.82 -11.00
C LEU B 77 23.36 -4.28 -10.70
N ARG B 78 23.49 -5.15 -11.71
CA ARG B 78 23.21 -6.56 -11.46
C ARG B 78 24.21 -7.16 -10.48
N ASP B 79 25.49 -6.83 -10.62
CA ASP B 79 26.50 -7.34 -9.70
C ASP B 79 26.28 -6.88 -8.28
N SER B 80 25.82 -5.64 -8.10
CA SER B 80 25.54 -5.12 -6.77
C SER B 80 24.29 -5.73 -6.16
N GLU B 81 23.25 -5.95 -6.97
CA GLU B 81 22.06 -6.64 -6.47
C GLU B 81 22.33 -8.09 -6.12
N ALA B 82 23.28 -8.75 -6.80
CA ALA B 82 23.61 -10.14 -6.51
C ALA B 82 24.62 -10.28 -5.38
N PHE B 83 25.02 -9.18 -4.76
CA PHE B 83 25.94 -9.22 -3.62
C PHE B 83 25.25 -8.93 -2.30
N CYS B 84 24.16 -8.15 -2.31
CA CYS B 84 23.40 -7.86 -1.11
C CYS B 84 22.37 -8.95 -0.79
N HIS B 85 22.23 -9.94 -1.66
CA HIS B 85 21.43 -11.13 -1.37
C HIS B 85 22.28 -12.30 -0.94
N ARG B 86 23.58 -12.07 -0.71
CA ARG B 86 24.49 -13.10 -0.24
C ARG B 86 24.55 -13.13 1.29
N ASN B 87 24.63 -11.97 1.92
CA ASN B 87 24.67 -11.91 3.38
C ASN B 87 23.31 -12.19 3.99
N CYS B 88 22.25 -11.64 3.40
CA CYS B 88 20.93 -11.72 4.02
C CYS B 88 20.39 -13.14 4.05
N SER B 89 20.46 -13.84 2.90
CA SER B 89 19.99 -15.22 2.87
C SER B 89 20.85 -16.11 3.75
N ALA B 90 22.17 -15.92 3.71
CA ALA B 90 23.09 -16.70 4.55
C ALA B 90 23.31 -15.99 5.89
N ALA B 91 22.23 -15.89 6.65
CA ALA B 91 22.24 -15.26 7.98
C ALA B 91 21.65 -16.24 8.98
N PRO B 92 22.46 -17.11 9.58
CA PRO B 92 21.95 -18.06 10.57
C PRO B 92 21.21 -17.37 11.71
N GLN B 93 19.92 -17.61 11.81
CA GLN B 93 19.10 -16.94 12.81
C GLN B 93 19.47 -17.40 14.21
N PRO B 94 19.53 -16.50 15.19
CA PRO B 94 19.74 -16.93 16.57
C PRO B 94 18.56 -17.71 17.11
N GLU B 95 18.84 -18.60 18.05
CA GLU B 95 17.77 -19.38 18.68
C GLU B 95 16.93 -18.48 19.56
N PRO B 96 15.61 -18.48 19.41
CA PRO B 96 14.77 -17.54 20.19
C PRO B 96 14.46 -18.03 21.58
N ALA B 97 13.61 -17.30 22.29
CA ALA B 97 13.23 -17.66 23.65
C ALA B 97 12.37 -18.91 23.65
N ALA B 98 12.10 -19.42 24.85
CA ALA B 98 11.31 -20.64 24.98
C ALA B 98 9.83 -20.37 24.68
N GLY B 99 9.31 -19.23 25.12
CA GLY B 99 7.90 -18.94 24.94
C GLY B 99 7.53 -18.65 23.50
N LEU B 100 8.48 -18.16 22.70
CA LEU B 100 8.19 -17.83 21.32
C LEU B 100 8.00 -19.06 20.45
N ALA B 101 8.46 -20.22 20.90
CA ALA B 101 8.38 -21.44 20.11
C ALA B 101 6.95 -21.94 19.91
N SER B 102 6.00 -21.48 20.73
CA SER B 102 4.62 -21.94 20.64
C SER B 102 3.78 -21.12 19.67
N TYR B 103 4.34 -20.07 19.07
CA TYR B 103 3.63 -19.20 18.13
C TYR B 103 4.38 -19.20 16.81
N PRO B 104 4.04 -20.10 15.88
CA PRO B 104 4.85 -20.22 14.65
C PRO B 104 4.73 -19.05 13.70
N GLU B 105 3.54 -18.44 13.60
CA GLU B 105 3.36 -17.32 12.68
C GLU B 105 4.25 -16.15 13.07
N LEU B 106 4.32 -15.86 14.37
CA LEU B 106 5.17 -14.77 14.84
C LEU B 106 6.63 -15.06 14.56
N ARG B 107 7.06 -16.31 14.72
CA ARG B 107 8.45 -16.67 14.41
C ARG B 107 8.76 -16.47 12.93
N LEU B 108 7.89 -16.99 12.06
CA LEU B 108 8.13 -16.85 10.62
C LEU B 108 8.21 -15.39 10.21
N PHE B 109 7.24 -14.58 10.63
CA PHE B 109 7.23 -13.21 10.17
C PHE B 109 8.26 -12.35 10.89
N GLY B 110 8.67 -12.71 12.11
CA GLY B 110 9.79 -12.03 12.72
C GLY B 110 11.09 -12.29 11.99
N GLY B 111 11.30 -13.53 11.54
CA GLY B 111 12.43 -13.80 10.67
C GLY B 111 12.37 -13.00 9.39
N LEU B 112 11.18 -12.86 8.82
CA LEU B 112 11.03 -12.05 7.61
C LEU B 112 11.39 -10.58 7.86
N LEU B 113 10.94 -10.02 8.98
CA LEU B 113 11.31 -8.63 9.31
C LEU B 113 12.81 -8.48 9.51
N ARG B 114 13.45 -9.44 10.20
CA ARG B 114 14.90 -9.34 10.37
C ARG B 114 15.62 -9.39 9.04
N ARG B 115 15.18 -10.26 8.13
CA ARG B 115 15.82 -10.35 6.82
C ARG B 115 15.62 -9.06 6.02
N ALA B 116 14.41 -8.48 6.08
CA ALA B 116 14.16 -7.23 5.39
C ALA B 116 15.03 -6.10 5.95
N HIS B 117 15.20 -6.06 7.26
CA HIS B 117 16.07 -5.07 7.87
C HIS B 117 17.51 -5.24 7.41
N CYS B 118 17.99 -6.48 7.35
CA CYS B 118 19.36 -6.72 6.88
C CYS B 118 19.52 -6.25 5.44
N LEU B 119 18.54 -6.56 4.58
CA LEU B 119 18.61 -6.11 3.19
C LEU B 119 18.65 -4.58 3.10
N LYS B 120 17.75 -3.92 3.82
CA LYS B 120 17.68 -2.46 3.75
C LYS B 120 18.97 -1.82 4.25
N ARG B 121 19.54 -2.35 5.33
CA ARG B 121 20.81 -1.81 5.82
C ARG B 121 21.94 -2.06 4.82
N CYS B 122 21.98 -3.24 4.20
CA CYS B 122 23.08 -3.56 3.30
C CYS B 122 23.02 -2.75 2.01
N LYS B 123 21.81 -2.39 1.55
CA LYS B 123 21.71 -1.72 0.26
C LYS B 123 22.07 -0.24 0.33
N GLN B 124 22.30 0.29 1.53
CA GLN B 124 22.65 1.70 1.64
C GLN B 124 24.15 1.95 1.57
N GLY B 125 24.95 0.88 1.56
CA GLY B 125 26.39 1.07 1.56
C GLY B 125 27.02 0.95 0.19
N LEU B 126 26.24 0.56 -0.81
CA LEU B 126 26.80 0.31 -2.14
C LEU B 126 26.62 1.53 -3.03
N PRO B 127 27.60 1.84 -3.87
CA PRO B 127 27.49 3.05 -4.69
C PRO B 127 26.44 2.97 -5.80
N ALA B 128 26.07 1.76 -6.22
CA ALA B 128 25.14 1.63 -7.33
C ALA B 128 23.69 1.83 -6.92
N PHE B 129 23.41 1.81 -5.62
CA PHE B 129 22.05 1.97 -5.12
C PHE B 129 21.76 3.40 -4.66
N ARG B 130 22.72 4.31 -4.81
CA ARG B 130 22.54 5.70 -4.42
C ARG B 130 22.26 6.61 -5.61
N GLN B 131 22.01 6.04 -6.78
CA GLN B 131 21.61 6.79 -7.97
C GLN B 131 20.13 6.58 -8.22
N SER B 132 19.60 7.29 -9.21
CA SER B 132 18.20 7.16 -9.58
C SER B 132 17.99 5.81 -10.26
N GLN B 133 17.15 4.96 -9.66
CA GLN B 133 16.96 3.62 -10.18
C GLN B 133 16.10 3.65 -11.44
N PRO B 134 16.37 2.76 -12.40
CA PRO B 134 15.63 2.80 -13.67
C PRO B 134 14.25 2.19 -13.55
N SER B 135 13.40 2.52 -14.51
CA SER B 135 12.05 2.00 -14.57
C SER B 135 12.05 0.55 -15.05
N ARG B 136 10.90 -0.11 -14.90
CA ARG B 136 10.81 -1.53 -15.24
C ARG B 136 10.90 -1.77 -16.73
N GLU B 137 10.37 -0.85 -17.55
CA GLU B 137 10.41 -1.04 -19.00
C GLU B 137 11.85 -0.95 -19.53
N VAL B 138 12.66 -0.06 -18.96
CA VAL B 138 14.05 0.03 -19.36
C VAL B 138 14.81 -1.24 -18.97
N LEU B 139 14.55 -1.77 -17.78
CA LEU B 139 15.19 -3.01 -17.37
C LEU B 139 14.77 -4.16 -18.27
N ALA B 140 13.49 -4.21 -18.65
CA ALA B 140 13.03 -5.25 -19.58
C ALA B 140 13.71 -5.12 -20.93
N ASP B 141 13.88 -3.88 -21.41
CA ASP B 141 14.57 -3.67 -22.68
C ASP B 141 16.03 -4.10 -22.60
N PHE B 142 16.68 -3.85 -21.46
CA PHE B 142 18.08 -4.24 -21.30
C PHE B 142 18.24 -5.75 -21.19
N GLN B 143 17.28 -6.43 -20.55
CA GLN B 143 17.32 -7.89 -20.49
C GLN B 143 17.03 -8.55 -21.83
N ARG B 144 16.49 -7.79 -22.79
CA ARG B 144 16.18 -8.29 -24.12
C ARG B 144 17.31 -7.99 -25.11
N ARG B 145 18.42 -7.42 -24.64
CA ARG B 145 19.60 -7.14 -25.46
C ARG B 145 19.29 -6.19 -26.61
N GLU B 146 18.50 -5.16 -26.35
CA GLU B 146 18.15 -4.17 -27.37
C GLU B 146 19.29 -3.22 -27.72
N PRO B 147 20.11 -2.76 -26.77
CA PRO B 147 21.17 -1.80 -27.13
C PRO B 147 22.18 -2.33 -28.14
N TYR B 148 22.27 -3.64 -28.33
CA TYR B 148 23.31 -4.17 -29.20
C TYR B 148 23.06 -3.89 -30.68
N LYS B 149 21.81 -3.68 -31.08
CA LYS B 149 21.54 -3.23 -32.45
C LYS B 149 22.20 -1.88 -32.72
N PHE B 150 21.93 -0.91 -31.84
CA PHE B 150 22.56 0.40 -31.98
C PHE B 150 24.06 0.29 -31.86
N LEU B 151 24.55 -0.58 -30.97
CA LEU B 151 25.99 -0.73 -30.79
C LEU B 151 26.66 -1.24 -32.07
N GLN B 152 26.06 -2.26 -32.70
CA GLN B 152 26.68 -2.81 -33.91
C GLN B 152 26.60 -1.82 -35.06
N PHE B 153 25.49 -1.09 -35.20
CA PHE B 153 25.42 -0.12 -36.28
C PHE B 153 26.43 1.01 -36.06
N ALA B 154 26.55 1.49 -34.82
CA ALA B 154 27.50 2.56 -34.53
C ALA B 154 28.94 2.09 -34.73
N TYR B 155 29.25 0.85 -34.35
CA TYR B 155 30.58 0.32 -34.60
C TYR B 155 30.86 0.21 -36.10
N PHE B 156 29.86 -0.19 -36.88
CA PHE B 156 30.04 -0.25 -38.32
C PHE B 156 30.34 1.12 -38.89
N LYS B 157 29.58 2.13 -38.48
CA LYS B 157 29.78 3.49 -38.98
C LYS B 157 30.98 4.19 -38.36
N ALA B 158 31.85 3.46 -37.67
CA ALA B 158 33.07 4.03 -37.10
C ALA B 158 34.29 3.16 -37.38
N ASN B 159 34.22 2.30 -38.40
CA ASN B 159 35.33 1.45 -38.82
C ASN B 159 35.79 0.54 -37.68
N ASN B 160 34.86 -0.27 -37.19
CA ASN B 160 35.08 -1.23 -36.12
C ASN B 160 34.44 -2.57 -36.46
N LEU B 161 34.74 -3.07 -37.66
CA LEU B 161 34.10 -4.28 -38.18
C LEU B 161 34.15 -5.48 -37.23
N PRO B 162 35.28 -5.83 -36.60
CA PRO B 162 35.24 -6.95 -35.66
C PRO B 162 34.28 -6.74 -34.50
N LYS B 163 34.29 -5.55 -33.89
CA LYS B 163 33.36 -5.27 -32.81
C LYS B 163 31.92 -5.28 -33.31
N ALA B 164 31.69 -4.79 -34.53
CA ALA B 164 30.35 -4.78 -35.08
C ALA B 164 29.81 -6.20 -35.26
N ILE B 165 30.63 -7.08 -35.84
CA ILE B 165 30.16 -8.45 -36.05
C ILE B 165 29.99 -9.17 -34.72
N ALA B 166 30.86 -8.88 -33.75
CA ALA B 166 30.70 -9.47 -32.42
C ALA B 166 29.38 -9.04 -31.79
N ALA B 167 29.04 -7.75 -31.88
CA ALA B 167 27.79 -7.28 -31.32
C ALA B 167 26.59 -7.88 -32.05
N ALA B 168 26.68 -8.01 -33.37
CA ALA B 168 25.59 -8.63 -34.13
C ALA B 168 25.39 -10.08 -33.70
N HIS B 169 26.48 -10.83 -33.54
CA HIS B 169 26.38 -12.22 -33.09
C HIS B 169 25.80 -12.29 -31.68
N THR B 170 26.22 -11.39 -30.79
CA THR B 170 25.70 -11.38 -29.43
C THR B 170 24.19 -11.12 -29.42
N PHE B 171 23.73 -10.19 -30.24
CA PHE B 171 22.29 -9.95 -30.32
C PHE B 171 21.56 -11.15 -30.92
N LEU B 172 22.16 -11.79 -31.94
CA LEU B 172 21.50 -12.93 -32.56
C LEU B 172 21.39 -14.11 -31.61
N LEU B 173 22.30 -14.22 -30.64
CA LEU B 173 22.23 -15.33 -29.69
C LEU B 173 20.91 -15.35 -28.93
N LYS B 174 20.33 -14.18 -28.67
CA LYS B 174 19.10 -14.13 -27.88
C LYS B 174 17.85 -14.12 -28.77
N HIS B 175 17.92 -13.53 -29.96
CA HIS B 175 16.80 -13.45 -30.89
C HIS B 175 17.14 -14.25 -32.13
N PRO B 176 16.71 -15.50 -32.23
CA PRO B 176 17.06 -16.31 -33.41
C PRO B 176 16.06 -16.17 -34.54
N ASP B 177 15.19 -15.16 -34.48
CA ASP B 177 14.14 -14.97 -35.47
C ASP B 177 14.03 -13.52 -35.92
N ASP B 178 15.15 -12.86 -36.19
CA ASP B 178 15.18 -11.47 -36.61
C ASP B 178 15.76 -11.37 -38.02
N GLU B 179 14.89 -11.10 -39.00
CA GLU B 179 15.31 -11.11 -40.40
C GLU B 179 16.37 -10.04 -40.68
N MET B 180 16.17 -8.84 -40.13
CA MET B 180 17.12 -7.76 -40.38
C MET B 180 18.51 -8.12 -39.86
N MET B 181 18.57 -8.79 -38.71
CA MET B 181 19.86 -9.22 -38.18
C MET B 181 20.51 -10.26 -39.07
N LYS B 182 19.72 -11.17 -39.64
CA LYS B 182 20.27 -12.12 -40.61
C LYS B 182 20.85 -11.40 -41.83
N ARG B 183 20.12 -10.41 -42.35
CA ARG B 183 20.62 -9.67 -43.51
C ARG B 183 21.93 -8.96 -43.18
N ASN B 184 21.98 -8.28 -42.03
CA ASN B 184 23.18 -7.57 -41.64
C ASN B 184 24.35 -8.51 -41.42
N MET B 185 24.10 -9.66 -40.77
CA MET B 185 25.17 -10.61 -40.48
C MET B 185 25.69 -11.26 -41.75
N ALA B 186 24.80 -11.57 -42.69
CA ALA B 186 25.21 -12.11 -43.98
C ALA B 186 26.05 -11.09 -44.75
N TYR B 187 25.65 -9.81 -44.69
CA TYR B 187 26.46 -8.77 -45.30
C TYR B 187 27.85 -8.71 -44.65
N TYR B 188 27.90 -8.86 -43.33
CA TYR B 188 29.19 -8.84 -42.62
C TYR B 188 30.08 -10.01 -43.03
N LYS B 189 29.50 -11.20 -43.20
CA LYS B 189 30.30 -12.34 -43.64
C LYS B 189 30.88 -12.12 -45.04
N SER B 190 30.19 -11.36 -45.89
CA SER B 190 30.67 -11.17 -47.26
C SER B 190 32.02 -10.46 -47.29
N LEU B 191 32.27 -9.60 -46.32
CA LEU B 191 33.53 -8.85 -46.29
C LEU B 191 34.69 -9.80 -46.00
N PRO B 192 35.86 -9.60 -46.63
CA PRO B 192 37.00 -10.47 -46.35
C PRO B 192 37.55 -10.22 -44.95
N GLY B 193 38.19 -11.26 -44.41
CA GLY B 193 38.86 -11.19 -43.11
C GLY B 193 37.96 -11.35 -41.91
N ALA B 194 36.73 -10.84 -41.98
CA ALA B 194 35.79 -10.91 -40.87
C ALA B 194 35.08 -12.27 -40.87
N GLU B 195 35.85 -13.29 -40.49
CA GLU B 195 35.33 -14.65 -40.38
C GLU B 195 35.75 -15.37 -39.11
N ASP B 196 36.73 -14.85 -38.37
CA ASP B 196 37.19 -15.49 -37.15
C ASP B 196 37.03 -14.60 -35.92
N TYR B 197 36.46 -13.40 -36.07
CA TYR B 197 36.23 -12.51 -34.94
C TYR B 197 34.84 -12.71 -34.33
N ILE B 198 34.17 -13.81 -34.63
CA ILE B 198 32.85 -14.08 -34.07
C ILE B 198 33.03 -14.47 -32.61
N LYS B 199 32.76 -13.53 -31.71
CA LYS B 199 32.90 -13.73 -30.28
C LYS B 199 31.65 -13.25 -29.57
N ASP B 200 31.40 -13.80 -28.38
CA ASP B 200 30.27 -13.39 -27.57
C ASP B 200 30.73 -12.31 -26.59
N LEU B 201 30.07 -11.15 -26.64
CA LEU B 201 30.42 -10.07 -25.74
C LEU B 201 29.91 -10.30 -24.32
N GLU B 202 28.77 -10.97 -24.18
CA GLU B 202 28.18 -11.29 -22.89
C GLU B 202 28.34 -12.79 -22.67
N THR B 203 29.48 -13.18 -22.12
CA THR B 203 29.81 -14.58 -21.90
C THR B 203 30.00 -14.84 -20.40
N LYS B 204 29.92 -16.12 -20.04
CA LYS B 204 30.06 -16.55 -18.65
C LYS B 204 31.21 -17.53 -18.55
N SER B 205 31.80 -17.60 -17.35
CA SER B 205 32.96 -18.47 -17.14
C SER B 205 32.61 -19.94 -17.30
N TYR B 206 31.45 -20.35 -16.77
CA TYR B 206 31.11 -21.78 -16.80
C TYR B 206 30.92 -22.28 -18.22
N GLU B 207 30.40 -21.45 -19.12
CA GLU B 207 30.25 -21.87 -20.51
C GLU B 207 31.61 -22.12 -21.16
N SER B 208 32.57 -21.22 -20.93
CA SER B 208 33.91 -21.42 -21.46
C SER B 208 34.57 -22.67 -20.88
N LEU B 209 34.40 -22.88 -19.58
CA LEU B 209 34.96 -24.09 -18.96
C LEU B 209 34.33 -25.35 -19.54
N PHE B 210 33.02 -25.33 -19.77
CA PHE B 210 32.34 -26.47 -20.38
C PHE B 210 32.84 -26.73 -21.79
N ILE B 211 33.03 -25.67 -22.58
CA ILE B 211 33.52 -25.85 -23.94
C ILE B 211 34.93 -26.43 -23.93
N ARG B 212 35.80 -25.92 -23.06
CA ARG B 212 37.15 -26.46 -22.96
C ARG B 212 37.13 -27.91 -22.52
N ALA B 213 36.27 -28.25 -21.57
CA ALA B 213 36.16 -29.64 -21.12
C ALA B 213 35.69 -30.56 -22.25
N VAL B 214 34.71 -30.10 -23.04
CA VAL B 214 34.23 -30.90 -24.15
C VAL B 214 35.34 -31.11 -25.18
N ARG B 215 36.10 -30.06 -25.48
CA ARG B 215 37.20 -30.20 -26.42
C ARG B 215 38.25 -31.18 -25.91
N ALA B 216 38.58 -31.09 -24.61
CA ALA B 216 39.56 -32.01 -24.03
C ALA B 216 39.06 -33.45 -24.06
N TYR B 217 37.77 -33.64 -23.75
CA TYR B 217 37.21 -34.99 -23.76
C TYR B 217 37.22 -35.57 -25.17
N ASN B 218 36.88 -34.76 -26.17
CA ASN B 218 36.98 -35.22 -27.56
C ASN B 218 38.44 -35.47 -27.94
N GLY B 219 39.37 -34.78 -27.30
CA GLY B 219 40.78 -35.02 -27.55
C GLY B 219 41.37 -36.10 -26.66
N GLU B 220 40.54 -37.09 -26.32
CA GLU B 220 40.90 -38.25 -25.50
C GLU B 220 41.78 -37.91 -24.30
N ASN B 221 41.53 -36.77 -23.68
CA ASN B 221 42.20 -36.37 -22.44
C ASN B 221 41.18 -36.39 -21.30
N TRP B 222 41.49 -37.15 -20.25
CA TRP B 222 40.52 -37.43 -19.19
C TRP B 222 40.70 -36.55 -17.97
N ARG B 223 41.92 -36.44 -17.44
CA ARG B 223 42.14 -35.68 -16.23
C ARG B 223 41.78 -34.20 -16.42
N THR B 224 42.21 -33.62 -17.54
CA THR B 224 41.88 -32.22 -17.80
C THR B 224 40.38 -32.02 -17.92
N SER B 225 39.70 -32.92 -18.62
CA SER B 225 38.26 -32.82 -18.75
C SER B 225 37.57 -32.93 -17.39
N ILE B 226 38.02 -33.87 -16.56
CA ILE B 226 37.41 -34.04 -15.24
C ILE B 226 37.59 -32.77 -14.41
N THR B 227 38.80 -32.21 -14.41
CA THR B 227 39.05 -30.99 -13.65
C THR B 227 38.19 -29.84 -14.16
N ASP B 228 38.08 -29.69 -15.48
CA ASP B 228 37.30 -28.59 -16.02
C ASP B 228 35.81 -28.73 -15.70
N MET B 229 35.27 -29.95 -15.81
CA MET B 229 33.86 -30.15 -15.47
C MET B 229 33.60 -29.90 -13.99
N GLU B 230 34.51 -30.38 -13.13
CA GLU B 230 34.34 -30.18 -11.70
C GLU B 230 34.49 -28.72 -11.31
N LEU B 231 35.23 -27.94 -12.10
CA LEU B 231 35.26 -26.51 -11.88
C LEU B 231 34.01 -25.83 -12.41
N ALA B 232 33.44 -26.35 -13.49
CA ALA B 232 32.31 -25.69 -14.14
C ALA B 232 31.01 -25.89 -13.36
N LEU B 233 30.83 -27.03 -12.70
CA LEU B 233 29.57 -27.29 -12.02
C LEU B 233 29.25 -26.27 -10.92
N PRO B 234 30.13 -25.99 -9.95
CA PRO B 234 29.78 -25.00 -8.93
C PRO B 234 29.52 -23.61 -9.49
N ASP B 235 30.20 -23.24 -10.58
CA ASP B 235 29.92 -21.95 -11.21
C ASP B 235 28.49 -21.88 -11.74
N PHE B 236 28.03 -22.95 -12.39
CA PHE B 236 26.66 -22.98 -12.86
C PHE B 236 25.67 -22.91 -11.71
N PHE B 237 25.94 -23.65 -10.63
CA PHE B 237 25.02 -23.60 -9.49
C PHE B 237 24.98 -22.21 -8.86
N LYS B 238 26.14 -21.56 -8.73
CA LYS B 238 26.19 -20.22 -8.17
C LYS B 238 25.40 -19.24 -9.04
N ALA B 239 25.59 -19.31 -10.36
CA ALA B 239 24.87 -18.43 -11.26
C ALA B 239 23.37 -18.69 -11.19
N PHE B 240 22.97 -19.97 -11.10
CA PHE B 240 21.56 -20.31 -11.02
C PHE B 240 20.92 -19.73 -9.77
N TYR B 241 21.58 -19.84 -8.62
CA TYR B 241 20.97 -19.32 -7.41
C TYR B 241 20.99 -17.80 -7.37
N GLU B 242 22.00 -17.15 -7.94
CA GLU B 242 21.98 -15.70 -8.04
C GLU B 242 20.82 -15.23 -8.93
N CYS B 243 20.60 -15.92 -10.06
CA CYS B 243 19.48 -15.55 -10.94
C CYS B 243 18.14 -15.77 -10.26
N LEU B 244 18.02 -16.87 -9.49
CA LEU B 244 16.78 -17.09 -8.74
C LEU B 244 16.56 -15.99 -7.71
N ALA B 245 17.62 -15.55 -7.03
CA ALA B 245 17.47 -14.51 -6.03
C ALA B 245 17.16 -13.15 -6.66
N ALA B 246 17.58 -12.93 -7.90
CA ALA B 246 17.37 -11.64 -8.56
C ALA B 246 15.98 -11.48 -9.16
N CYS B 247 15.09 -12.45 -8.99
CA CYS B 247 13.76 -12.39 -9.59
C CYS B 247 12.68 -11.87 -8.64
N GLU B 248 13.03 -11.56 -7.39
CA GLU B 248 12.05 -11.12 -6.41
C GLU B 248 12.03 -9.59 -6.35
N GLY B 249 11.40 -9.00 -7.38
CA GLY B 249 11.36 -7.56 -7.52
C GLY B 249 9.95 -7.00 -7.36
N SER B 250 9.84 -5.70 -7.61
CA SER B 250 8.60 -4.97 -7.39
C SER B 250 7.58 -5.32 -8.47
N ARG B 251 6.35 -4.83 -8.28
CA ARG B 251 5.25 -5.08 -9.19
C ARG B 251 4.47 -3.78 -9.36
N GLU B 252 3.46 -3.82 -10.22
CA GLU B 252 2.62 -2.67 -10.52
C GLU B 252 1.27 -2.84 -9.81
N ILE B 253 0.91 -1.86 -9.00
CA ILE B 253 -0.31 -1.95 -8.19
C ILE B 253 -1.51 -1.57 -9.05
N LYS B 254 -2.42 -2.52 -9.23
CA LYS B 254 -3.65 -2.28 -9.97
C LYS B 254 -4.90 -2.83 -9.31
N ASP B 255 -4.76 -3.62 -8.24
CA ASP B 255 -5.90 -4.12 -7.49
C ASP B 255 -5.57 -4.05 -6.00
N PHE B 256 -6.63 -3.97 -5.19
CA PHE B 256 -6.51 -3.81 -3.74
C PHE B 256 -7.26 -4.96 -3.06
N LYS B 257 -6.55 -6.04 -2.77
CA LYS B 257 -7.12 -7.22 -2.14
C LYS B 257 -6.67 -7.30 -0.68
N ASP B 258 -7.03 -8.41 -0.03
CA ASP B 258 -6.74 -8.60 1.38
C ASP B 258 -5.29 -9.04 1.55
N PHE B 259 -4.92 -9.51 2.74
CA PHE B 259 -3.52 -9.78 3.05
C PHE B 259 -3.00 -10.97 2.25
N TYR B 260 -3.56 -12.15 2.50
CA TYR B 260 -3.09 -13.36 1.82
C TYR B 260 -3.37 -13.29 0.33
N LEU B 261 -4.55 -12.81 -0.06
CA LEU B 261 -4.92 -12.76 -1.46
C LEU B 261 -4.10 -11.77 -2.25
N SER B 262 -3.44 -10.81 -1.60
CA SER B 262 -2.59 -9.88 -2.32
C SER B 262 -1.13 -10.29 -2.29
N ILE B 263 -0.66 -10.89 -1.18
CA ILE B 263 0.71 -11.39 -1.18
C ILE B 263 0.83 -12.75 -1.82
N ALA B 264 -0.26 -13.33 -2.33
CA ALA B 264 -0.21 -14.53 -3.13
C ALA B 264 -0.30 -14.27 -4.63
N ASP B 265 -0.27 -13.00 -5.05
CA ASP B 265 -0.18 -12.61 -6.46
C ASP B 265 1.18 -12.05 -6.81
N HIS B 266 1.78 -11.29 -5.89
CA HIS B 266 3.17 -10.91 -6.04
C HIS B 266 4.05 -12.13 -6.22
N TYR B 267 3.84 -13.16 -5.40
CA TYR B 267 4.62 -14.38 -5.57
C TYR B 267 4.26 -15.12 -6.85
N VAL B 268 3.03 -15.00 -7.34
CA VAL B 268 2.71 -15.66 -8.61
C VAL B 268 3.49 -15.03 -9.76
N GLU B 269 3.60 -13.70 -9.76
CA GLU B 269 4.44 -13.03 -10.76
C GLU B 269 5.91 -13.40 -10.58
N VAL B 270 6.37 -13.44 -9.32
CA VAL B 270 7.75 -13.82 -9.04
C VAL B 270 8.04 -15.22 -9.55
N LEU B 271 7.08 -16.14 -9.38
CA LEU B 271 7.26 -17.51 -9.83
C LEU B 271 7.25 -17.60 -11.35
N GLU B 272 6.39 -16.82 -12.01
CA GLU B 272 6.43 -16.73 -13.46
C GLU B 272 7.81 -16.30 -13.93
N CYS B 273 8.44 -15.38 -13.22
CA CYS B 273 9.80 -14.98 -13.56
C CYS B 273 10.80 -16.10 -13.28
N LYS B 274 10.65 -16.79 -12.14
CA LYS B 274 11.63 -17.78 -11.71
C LYS B 274 11.65 -19.00 -12.61
N ILE B 275 10.52 -19.36 -13.22
CA ILE B 275 10.44 -20.62 -13.96
C ILE B 275 11.42 -20.63 -15.13
N GLN B 276 11.72 -19.47 -15.69
CA GLN B 276 12.54 -19.40 -16.90
C GLN B 276 14.03 -19.25 -16.63
N CYS B 277 14.46 -19.19 -15.37
CA CYS B 277 15.87 -19.00 -15.07
C CYS B 277 16.70 -20.20 -15.53
N GLU B 278 16.16 -21.41 -15.40
CA GLU B 278 16.90 -22.59 -15.80
C GLU B 278 17.16 -22.60 -17.31
N GLU B 279 16.17 -22.16 -18.10
CA GLU B 279 16.29 -22.18 -19.54
C GLU B 279 16.94 -20.92 -20.11
N ASN B 280 17.08 -19.87 -19.32
CA ASN B 280 17.78 -18.67 -19.78
C ASN B 280 19.28 -18.73 -19.53
N LEU B 281 19.77 -19.79 -18.88
CA LEU B 281 21.18 -19.93 -18.56
C LEU B 281 21.86 -21.03 -19.37
N THR B 282 21.11 -21.84 -20.11
CA THR B 282 21.67 -22.94 -20.86
C THR B 282 22.52 -22.42 -22.01
N PRO B 283 23.77 -22.85 -22.16
CA PRO B 283 24.60 -22.37 -23.26
C PRO B 283 24.06 -22.82 -24.61
N VAL B 284 24.37 -22.05 -25.65
CA VAL B 284 23.99 -22.37 -27.02
C VAL B 284 25.26 -22.71 -27.79
N ILE B 285 25.25 -23.88 -28.44
CA ILE B 285 26.35 -24.33 -29.27
C ILE B 285 25.78 -24.72 -30.63
N GLY B 286 26.38 -24.18 -31.70
CA GLY B 286 25.90 -24.47 -33.03
C GLY B 286 24.51 -23.95 -33.34
N GLY B 287 24.06 -22.93 -32.61
CA GLY B 287 22.74 -22.38 -32.80
C GLY B 287 21.62 -23.16 -32.15
N TYR B 288 21.92 -24.22 -31.42
CA TYR B 288 20.92 -25.02 -30.74
C TYR B 288 21.31 -25.12 -29.26
N PRO B 289 20.43 -24.73 -28.34
CA PRO B 289 20.77 -24.86 -26.92
C PRO B 289 20.99 -26.32 -26.54
N VAL B 290 21.96 -26.54 -25.65
CA VAL B 290 22.28 -27.88 -25.19
C VAL B 290 21.22 -28.31 -24.18
N GLU B 291 20.31 -29.18 -24.60
CA GLU B 291 19.24 -29.63 -23.71
C GLU B 291 19.80 -30.52 -22.62
N LYS B 292 19.16 -30.48 -21.45
CA LYS B 292 19.55 -31.26 -20.28
C LYS B 292 21.02 -31.00 -19.92
N PHE B 293 21.27 -29.74 -19.54
CA PHE B 293 22.64 -29.29 -19.30
C PHE B 293 23.29 -30.07 -18.15
N VAL B 294 22.61 -30.15 -17.00
CA VAL B 294 23.21 -30.82 -15.85
C VAL B 294 23.30 -32.33 -16.10
N ALA B 295 22.31 -32.90 -16.78
CA ALA B 295 22.38 -34.31 -17.13
C ALA B 295 23.56 -34.58 -18.06
N THR B 296 23.79 -33.70 -19.03
CA THR B 296 24.95 -33.86 -19.92
C THR B 296 26.25 -33.74 -19.13
N MET B 297 26.33 -32.78 -18.21
CA MET B 297 27.50 -32.65 -17.37
C MET B 297 27.80 -33.94 -16.62
N TYR B 298 26.78 -34.50 -15.97
CA TYR B 298 26.99 -35.70 -15.18
C TYR B 298 27.28 -36.91 -16.06
N HIS B 299 26.71 -36.96 -17.27
CA HIS B 299 27.03 -38.04 -18.20
C HIS B 299 28.51 -38.00 -18.59
N TYR B 300 29.01 -36.81 -18.93
CA TYR B 300 30.42 -36.68 -19.27
C TYR B 300 31.30 -37.06 -18.09
N LEU B 301 30.95 -36.59 -16.89
CA LEU B 301 31.74 -36.91 -15.71
C LEU B 301 31.76 -38.41 -15.44
N GLN B 302 30.60 -39.06 -15.57
CA GLN B 302 30.53 -40.50 -15.32
C GLN B 302 31.37 -41.27 -16.32
N PHE B 303 31.29 -40.92 -17.61
CA PHE B 303 32.09 -41.62 -18.61
C PHE B 303 33.58 -41.43 -18.34
N ALA B 304 33.99 -40.19 -18.07
CA ALA B 304 35.41 -39.92 -17.82
C ALA B 304 35.91 -40.65 -16.58
N TYR B 305 35.12 -40.66 -15.51
CA TYR B 305 35.53 -41.34 -14.29
C TYR B 305 35.61 -42.84 -14.50
N TYR B 306 34.66 -43.41 -15.25
CA TYR B 306 34.69 -44.85 -15.50
C TYR B 306 35.93 -45.24 -16.32
N LYS B 307 36.28 -44.41 -17.31
CA LYS B 307 37.44 -44.73 -18.13
C LYS B 307 38.74 -44.75 -17.33
N LEU B 308 38.76 -44.14 -16.15
CA LEU B 308 39.91 -44.16 -15.28
C LEU B 308 39.83 -45.26 -14.21
N ASN B 309 38.77 -46.06 -14.23
CA ASN B 309 38.58 -47.17 -13.28
C ASN B 309 38.50 -46.68 -11.84
N ASP B 310 38.12 -45.42 -11.64
CA ASP B 310 37.91 -44.85 -10.30
C ASP B 310 36.41 -44.85 -10.02
N LEU B 311 35.89 -46.03 -9.68
CA LEU B 311 34.45 -46.19 -9.52
C LEU B 311 33.92 -45.53 -8.26
N LYS B 312 34.78 -45.30 -7.27
CA LYS B 312 34.35 -44.64 -6.03
C LYS B 312 33.67 -43.31 -6.33
N ASN B 313 34.16 -42.58 -7.34
CA ASN B 313 33.52 -41.37 -7.79
C ASN B 313 32.60 -41.58 -8.98
N ALA B 314 32.73 -42.70 -9.69
CA ALA B 314 31.93 -42.94 -10.88
C ALA B 314 30.49 -43.32 -10.54
N ALA B 315 30.29 -44.08 -9.46
CA ALA B 315 28.93 -44.52 -9.12
C ALA B 315 27.99 -43.36 -8.80
N PRO B 316 28.34 -42.39 -7.95
CA PRO B 316 27.40 -41.29 -7.67
C PRO B 316 27.02 -40.49 -8.91
N CYS B 317 27.94 -40.33 -9.87
CA CYS B 317 27.59 -39.63 -11.09
C CYS B 317 26.52 -40.37 -11.87
N ALA B 318 26.64 -41.69 -11.97
CA ALA B 318 25.62 -42.49 -12.64
C ALA B 318 24.29 -42.39 -11.90
N VAL B 319 24.31 -42.42 -10.57
CA VAL B 319 23.07 -42.31 -9.81
C VAL B 319 22.42 -40.95 -10.03
N SER B 320 23.23 -39.89 -10.10
CA SER B 320 22.68 -38.55 -10.36
C SER B 320 22.08 -38.48 -11.76
N TYR B 321 22.74 -39.08 -12.75
CA TYR B 321 22.20 -39.08 -14.10
C TYR B 321 20.87 -39.82 -14.16
N LEU B 322 20.76 -40.94 -13.42
CA LEU B 322 19.46 -41.59 -13.26
C LEU B 322 18.45 -40.63 -12.65
N LEU B 323 18.88 -39.88 -11.63
CA LEU B 323 17.96 -38.98 -10.94
C LEU B 323 17.39 -37.94 -11.88
N PHE B 324 18.22 -37.42 -12.79
CA PHE B 324 17.73 -36.36 -13.68
C PHE B 324 16.97 -36.92 -14.87
N ASP B 325 17.38 -38.08 -15.38
CA ASP B 325 16.70 -38.74 -16.49
C ASP B 325 16.34 -40.16 -16.04
N GLN B 326 15.08 -40.34 -15.63
CA GLN B 326 14.68 -41.61 -15.04
C GLN B 326 14.61 -42.73 -16.07
N ASN B 327 14.09 -42.44 -17.25
CA ASN B 327 13.81 -43.48 -18.25
C ASN B 327 14.97 -43.55 -19.24
N ASP B 328 16.00 -44.31 -18.87
CA ASP B 328 17.10 -44.65 -19.75
C ASP B 328 17.20 -46.16 -19.90
N LYS B 329 18.05 -46.59 -20.83
CA LYS B 329 18.25 -48.01 -21.08
C LYS B 329 19.68 -48.46 -20.83
N VAL B 330 20.67 -47.82 -21.47
CA VAL B 330 22.05 -48.26 -21.36
C VAL B 330 22.61 -47.98 -19.97
N MET B 331 22.33 -46.80 -19.42
CA MET B 331 22.92 -46.44 -18.13
C MET B 331 22.28 -47.22 -16.99
N GLN B 332 21.03 -47.67 -17.17
CA GLN B 332 20.44 -48.54 -16.16
C GLN B 332 21.13 -49.90 -16.12
N GLN B 333 21.46 -50.46 -17.29
CA GLN B 333 22.22 -51.71 -17.29
C GLN B 333 23.63 -51.48 -16.75
N ASN B 334 24.18 -50.28 -16.98
CA ASN B 334 25.44 -49.92 -16.34
C ASN B 334 25.30 -49.99 -14.82
N LEU B 335 24.27 -49.35 -14.27
CA LEU B 335 24.07 -49.36 -12.83
C LEU B 335 23.84 -50.77 -12.31
N VAL B 336 23.19 -51.62 -13.11
CA VAL B 336 23.06 -53.03 -12.75
C VAL B 336 24.43 -53.67 -12.63
N TYR B 337 25.31 -53.41 -13.60
CA TYR B 337 26.66 -53.96 -13.55
C TYR B 337 27.42 -53.49 -12.31
N TYR B 338 27.34 -52.19 -12.00
CA TYR B 338 28.01 -51.68 -10.80
C TYR B 338 27.44 -52.29 -9.52
N GLN B 339 26.11 -52.42 -9.45
CA GLN B 339 25.49 -52.93 -8.22
C GLN B 339 25.83 -54.40 -8.00
N TYR B 340 25.66 -55.23 -9.05
CA TYR B 340 25.85 -56.66 -8.87
C TYR B 340 27.32 -57.02 -8.64
N HIS B 341 28.24 -56.26 -9.24
CA HIS B 341 29.67 -56.47 -9.05
C HIS B 341 30.27 -55.49 -8.03
N ARG B 342 29.51 -55.15 -6.99
CA ARG B 342 30.03 -54.22 -5.99
C ARG B 342 31.20 -54.81 -5.23
N ASP B 343 31.25 -56.13 -5.06
CA ASP B 343 32.38 -56.80 -4.43
C ASP B 343 33.39 -57.27 -5.46
N THR B 344 33.77 -56.36 -6.35
CA THR B 344 34.83 -56.59 -7.32
C THR B 344 35.92 -55.52 -7.27
N TRP B 345 35.52 -54.26 -7.16
CA TRP B 345 36.45 -53.14 -6.98
C TRP B 345 36.47 -52.62 -5.55
N GLY B 346 35.36 -52.74 -4.83
CA GLY B 346 35.25 -52.22 -3.49
C GLY B 346 34.34 -51.01 -3.41
N LEU B 347 33.09 -51.23 -2.99
CA LEU B 347 32.12 -50.15 -2.93
C LEU B 347 31.21 -50.36 -1.73
N SER B 348 31.12 -49.37 -0.87
CA SER B 348 30.25 -49.43 0.31
C SER B 348 28.82 -49.16 -0.12
N ASP B 349 27.91 -49.09 0.85
CA ASP B 349 26.50 -48.80 0.58
C ASP B 349 26.24 -47.30 0.46
N GLU B 350 27.23 -46.46 0.74
CA GLU B 350 27.06 -45.01 0.65
C GLU B 350 27.41 -44.46 -0.72
N HIS B 351 28.30 -45.11 -1.46
CA HIS B 351 28.61 -44.68 -2.83
C HIS B 351 27.61 -45.22 -3.83
N PHE B 352 26.32 -45.05 -3.52
CA PHE B 352 25.26 -45.40 -4.46
C PHE B 352 24.11 -44.40 -4.39
N GLN B 353 24.38 -43.19 -3.93
CA GLN B 353 23.38 -42.15 -3.74
C GLN B 353 23.79 -40.88 -4.48
N PRO B 354 22.83 -40.07 -4.92
CA PRO B 354 23.16 -38.87 -5.70
C PRO B 354 23.90 -37.85 -4.86
N ARG B 355 24.67 -37.01 -5.55
CA ARG B 355 25.40 -35.94 -4.88
C ARG B 355 24.42 -34.91 -4.31
N PRO B 356 24.79 -34.26 -3.20
CA PRO B 356 23.85 -33.31 -2.57
C PRO B 356 23.43 -32.17 -3.47
N GLU B 357 24.35 -31.64 -4.29
CA GLU B 357 24.00 -30.51 -5.15
C GLU B 357 22.94 -30.89 -6.17
N ALA B 358 23.05 -32.08 -6.77
CA ALA B 358 22.04 -32.53 -7.71
C ALA B 358 20.69 -32.70 -7.03
N VAL B 359 20.68 -33.22 -5.80
CA VAL B 359 19.44 -33.37 -5.07
C VAL B 359 18.79 -32.02 -4.80
N GLN B 360 19.60 -31.03 -4.40
CA GLN B 360 19.06 -29.70 -4.16
C GLN B 360 18.50 -29.09 -5.45
N PHE B 361 19.23 -29.22 -6.55
CA PHE B 361 18.76 -28.67 -7.83
C PHE B 361 17.44 -29.31 -8.25
N PHE B 362 17.36 -30.64 -8.14
CA PHE B 362 16.13 -31.35 -8.49
C PHE B 362 14.98 -30.91 -7.60
N ASN B 363 15.22 -30.79 -6.28
CA ASN B 363 14.19 -30.35 -5.36
C ASN B 363 13.65 -28.98 -5.77
N VAL B 364 14.54 -28.01 -5.99
CA VAL B 364 14.10 -26.66 -6.29
C VAL B 364 13.30 -26.63 -7.59
N THR B 365 13.82 -27.27 -8.65
CA THR B 365 13.14 -27.21 -9.94
C THR B 365 11.77 -27.88 -9.87
N THR B 366 11.70 -29.07 -9.28
CA THR B 366 10.42 -29.77 -9.20
C THR B 366 9.43 -29.02 -8.33
N LEU B 367 9.88 -28.47 -7.19
CA LEU B 367 8.99 -27.72 -6.32
C LEU B 367 8.43 -26.49 -7.03
N GLN B 368 9.28 -25.77 -7.76
CA GLN B 368 8.78 -24.59 -8.48
C GLN B 368 7.76 -24.98 -9.54
N LYS B 369 8.04 -26.05 -10.30
CA LYS B 369 7.08 -26.47 -11.32
C LYS B 369 5.75 -26.89 -10.71
N GLU B 370 5.79 -27.65 -9.61
CA GLU B 370 4.56 -28.07 -8.95
C GLU B 370 3.78 -26.87 -8.41
N LEU B 371 4.49 -25.91 -7.81
CA LEU B 371 3.81 -24.73 -7.29
C LEU B 371 3.14 -23.93 -8.39
N TYR B 372 3.81 -23.77 -9.53
CA TYR B 372 3.19 -23.04 -10.63
C TYR B 372 1.99 -23.79 -11.20
N ASP B 373 2.10 -25.11 -11.32
CA ASP B 373 0.97 -25.90 -11.81
C ASP B 373 -0.23 -25.78 -10.87
N PHE B 374 0.00 -25.82 -9.56
CA PHE B 374 -1.09 -25.64 -8.60
C PHE B 374 -1.66 -24.24 -8.69
N ALA B 375 -0.80 -23.22 -8.78
CA ALA B 375 -1.27 -21.84 -8.73
C ALA B 375 -2.08 -21.47 -9.97
N LYS B 376 -1.70 -21.97 -11.13
CA LYS B 376 -2.49 -21.69 -12.33
C LYS B 376 -3.69 -22.61 -12.48
N GLU B 377 -4.40 -22.88 -11.38
CA GLU B 377 -5.72 -23.47 -11.41
C GLU B 377 -6.67 -22.91 -10.36
N ASN B 378 -6.17 -22.36 -9.26
CA ASN B 378 -6.98 -21.94 -8.12
C ASN B 378 -6.80 -20.47 -7.79
N ILE B 379 -5.65 -19.88 -8.12
CA ILE B 379 -5.38 -18.51 -7.74
C ILE B 379 -5.53 -17.57 -8.94
N MET B 380 -5.06 -17.99 -10.10
CA MET B 380 -5.07 -17.12 -11.27
C MET B 380 -6.51 -16.81 -11.70
N ASP B 381 -6.76 -15.54 -12.01
CA ASP B 381 -8.08 -15.11 -12.43
C ASP B 381 -8.37 -15.55 -13.86
N ASP B 382 -9.66 -15.80 -14.13
CA ASP B 382 -10.11 -16.18 -15.47
C ASP B 382 -11.17 -15.18 -15.91
N ASP B 383 -10.71 -14.06 -16.49
CA ASP B 383 -11.60 -13.09 -17.10
C ASP B 383 -11.04 -12.56 -18.42
N GLU B 384 -10.13 -13.30 -19.04
CA GLU B 384 -9.55 -12.94 -20.32
C GLU B 384 -9.54 -14.16 -21.23
N GLY B 385 -9.72 -13.93 -22.53
CA GLY B 385 -9.78 -15.01 -23.48
C GLY B 385 -8.89 -14.80 -24.68
N GLU B 386 -9.10 -15.59 -25.72
CA GLU B 386 -8.33 -15.50 -26.96
C GLU B 386 -9.20 -14.87 -28.05
N VAL B 387 -8.66 -13.84 -28.70
CA VAL B 387 -9.40 -13.13 -29.74
C VAL B 387 -9.44 -13.99 -31.00
N VAL B 388 -10.62 -14.16 -31.56
CA VAL B 388 -10.77 -14.91 -32.81
C VAL B 388 -11.27 -14.00 -33.92
N LYS C 38 -4.55 -11.81 -26.23
CA LYS C 38 -5.53 -11.91 -25.16
C LYS C 38 -6.18 -10.55 -24.89
N GLY C 39 -7.38 -10.58 -24.32
CA GLY C 39 -8.10 -9.38 -23.99
C GLY C 39 -9.29 -9.64 -23.09
N PRO C 40 -9.94 -8.57 -22.64
CA PRO C 40 -11.07 -8.74 -21.72
C PRO C 40 -12.30 -9.29 -22.42
N LYS C 41 -13.20 -9.86 -21.63
CA LYS C 41 -14.44 -10.45 -22.13
C LYS C 41 -15.60 -9.50 -21.88
N VAL C 42 -16.41 -9.27 -22.91
CA VAL C 42 -17.60 -8.44 -22.78
C VAL C 42 -18.76 -9.31 -22.35
N THR C 43 -19.68 -8.73 -21.61
CA THR C 43 -20.83 -9.48 -21.10
C THR C 43 -22.16 -8.81 -21.41
N VAL C 44 -22.20 -7.48 -21.49
CA VAL C 44 -23.43 -6.74 -21.75
C VAL C 44 -23.15 -5.74 -22.87
N LYS C 45 -24.22 -5.27 -23.50
CA LYS C 45 -24.13 -4.25 -24.54
C LYS C 45 -25.28 -3.27 -24.37
N VAL C 46 -24.95 -2.00 -24.13
CA VAL C 46 -25.91 -0.92 -24.04
C VAL C 46 -25.72 -0.01 -25.24
N TYR C 47 -26.82 0.51 -25.78
CA TYR C 47 -26.79 1.34 -26.97
C TYR C 47 -27.42 2.69 -26.69
N PHE C 48 -26.89 3.72 -27.35
CA PHE C 48 -27.40 5.08 -27.24
C PHE C 48 -27.99 5.51 -28.58
N ASP C 49 -28.70 6.64 -28.57
CA ASP C 49 -29.30 7.22 -29.77
C ASP C 49 -29.14 8.74 -29.67
N LEU C 50 -28.07 9.26 -30.26
CA LEU C 50 -27.71 10.66 -30.10
C LEU C 50 -28.53 11.55 -31.02
N ARG C 51 -28.53 12.86 -30.70
CA ARG C 51 -29.27 13.85 -31.48
C ARG C 51 -28.65 15.21 -31.23
N ILE C 52 -28.04 15.80 -32.25
CA ILE C 52 -27.58 17.19 -32.18
C ILE C 52 -28.62 18.07 -32.86
N GLY C 53 -29.09 19.08 -32.14
CA GLY C 53 -30.14 19.93 -32.67
C GLY C 53 -31.44 19.16 -32.85
N ASP C 54 -31.95 19.14 -34.08
CA ASP C 54 -33.17 18.42 -34.43
C ASP C 54 -32.93 17.51 -35.62
N GLU C 55 -31.83 16.77 -35.60
CA GLU C 55 -31.45 15.91 -36.71
C GLU C 55 -30.85 14.62 -36.17
N ASP C 56 -31.40 13.49 -36.61
CA ASP C 56 -30.87 12.19 -36.20
C ASP C 56 -29.48 12.00 -36.78
N VAL C 57 -28.59 11.37 -35.99
CA VAL C 57 -27.20 11.17 -36.38
C VAL C 57 -26.85 9.69 -36.48
N GLY C 58 -27.38 8.84 -35.60
CA GLY C 58 -27.07 7.43 -35.66
C GLY C 58 -27.26 6.68 -34.37
N ARG C 59 -26.32 5.80 -34.03
CA ARG C 59 -26.44 4.96 -32.85
C ARG C 59 -25.06 4.45 -32.47
N VAL C 60 -24.75 4.51 -31.17
CA VAL C 60 -23.48 4.05 -30.63
C VAL C 60 -23.77 2.87 -29.72
N ILE C 61 -23.07 1.76 -29.95
CA ILE C 61 -23.24 0.56 -29.14
C ILE C 61 -21.97 0.31 -28.34
N PHE C 62 -22.11 0.22 -27.03
CA PHE C 62 -20.98 0.01 -26.14
C PHE C 62 -20.81 -1.47 -25.83
N GLY C 63 -19.59 -1.82 -25.42
CA GLY C 63 -19.31 -3.15 -24.93
C GLY C 63 -18.70 -3.07 -23.54
N LEU C 64 -19.38 -3.63 -22.54
CA LEU C 64 -19.00 -3.44 -21.15
C LEU C 64 -18.41 -4.74 -20.60
N PHE C 65 -17.37 -4.58 -19.77
CA PHE C 65 -16.65 -5.71 -19.19
C PHE C 65 -17.23 -5.98 -17.80
N GLY C 66 -18.24 -6.84 -17.76
CA GLY C 66 -18.92 -7.15 -16.52
C GLY C 66 -18.25 -8.19 -15.66
N LYS C 67 -17.08 -8.68 -16.06
CA LYS C 67 -16.31 -9.64 -15.28
C LYS C 67 -15.00 -9.06 -14.75
N THR C 68 -14.33 -8.21 -15.52
CA THR C 68 -13.11 -7.56 -15.03
C THR C 68 -13.44 -6.55 -13.95
N VAL C 69 -14.42 -5.69 -14.19
CA VAL C 69 -14.79 -4.64 -13.24
C VAL C 69 -16.30 -4.61 -13.04
N PRO C 70 -16.86 -5.45 -12.17
CA PRO C 70 -18.28 -5.34 -11.83
C PRO C 70 -18.52 -4.18 -10.90
N LYS C 71 -19.79 -3.89 -10.58
CA LYS C 71 -20.18 -2.84 -9.63
C LYS C 71 -19.95 -1.46 -10.23
N THR C 72 -19.27 -1.40 -11.38
CA THR C 72 -19.17 -0.21 -12.21
C THR C 72 -19.95 -0.36 -13.49
N VAL C 73 -19.98 -1.57 -14.04
CA VAL C 73 -20.90 -1.89 -15.13
C VAL C 73 -22.33 -1.93 -14.61
N ASP C 74 -22.52 -2.46 -13.39
CA ASP C 74 -23.86 -2.54 -12.83
C ASP C 74 -24.46 -1.15 -12.61
N ASN C 75 -23.62 -0.16 -12.33
CA ASN C 75 -24.11 1.22 -12.24
C ASN C 75 -24.49 1.75 -13.61
N PHE C 76 -23.63 1.52 -14.61
CA PHE C 76 -23.91 2.01 -15.96
C PHE C 76 -25.15 1.35 -16.55
N VAL C 77 -25.31 0.04 -16.34
CA VAL C 77 -26.45 -0.66 -16.92
C VAL C 77 -27.74 -0.22 -16.25
N ALA C 78 -27.71 -0.02 -14.92
CA ALA C 78 -28.92 0.38 -14.22
C ALA C 78 -29.39 1.77 -14.64
N LEU C 79 -28.46 2.71 -14.81
CA LEU C 79 -28.84 4.05 -15.24
C LEU C 79 -29.31 4.06 -16.69
N ALA C 80 -28.78 3.16 -17.51
CA ALA C 80 -29.14 3.14 -18.93
C ALA C 80 -30.59 2.71 -19.11
N THR C 81 -31.00 1.63 -18.47
CA THR C 81 -32.35 1.11 -18.62
C THR C 81 -33.37 1.82 -17.73
N GLY C 82 -32.92 2.64 -16.77
CA GLY C 82 -33.82 3.37 -15.90
C GLY C 82 -34.64 2.50 -14.97
N GLU C 83 -33.99 1.53 -14.32
CA GLU C 83 -34.70 0.66 -13.39
C GLU C 83 -35.27 1.45 -12.22
N LYS C 84 -34.49 2.40 -11.68
CA LYS C 84 -34.84 3.11 -10.46
C LYS C 84 -35.35 4.52 -10.74
N GLY C 85 -35.94 4.76 -11.90
CA GLY C 85 -36.49 6.06 -12.22
C GLY C 85 -35.50 6.98 -12.90
N PHE C 86 -34.49 7.45 -12.16
CA PHE C 86 -33.50 8.34 -12.74
C PHE C 86 -32.57 7.57 -13.67
N GLY C 87 -32.18 8.21 -14.76
CA GLY C 87 -31.32 7.55 -15.73
C GLY C 87 -30.65 8.55 -16.64
N TYR C 88 -30.10 8.03 -17.74
CA TYR C 88 -29.42 8.84 -18.73
C TYR C 88 -30.35 9.38 -19.81
N LYS C 89 -31.64 9.07 -19.74
CA LYS C 89 -32.57 9.54 -20.75
C LYS C 89 -32.64 11.07 -20.75
N ASN C 90 -32.62 11.65 -21.94
CA ASN C 90 -32.69 13.10 -22.13
C ASN C 90 -31.57 13.82 -21.38
N SER C 91 -30.37 13.24 -21.41
CA SER C 91 -29.21 13.86 -20.80
C SER C 91 -28.49 14.73 -21.83
N LYS C 92 -27.28 15.18 -21.51
CA LYS C 92 -26.56 16.08 -22.39
C LYS C 92 -25.06 15.92 -22.20
N PHE C 93 -24.31 16.10 -23.29
CA PHE C 93 -22.85 16.16 -23.25
C PHE C 93 -22.44 17.60 -23.04
N HIS C 94 -21.77 17.88 -21.91
CA HIS C 94 -21.41 19.24 -21.56
C HIS C 94 -19.93 19.56 -21.76
N ARG C 95 -19.15 18.62 -22.30
CA ARG C 95 -17.75 18.88 -22.64
C ARG C 95 -17.42 18.13 -23.92
N VAL C 96 -17.07 18.88 -24.96
CA VAL C 96 -16.85 18.34 -26.29
C VAL C 96 -15.43 18.71 -26.72
N ILE C 97 -14.50 18.70 -25.77
CA ILE C 97 -13.11 19.11 -26.02
C ILE C 97 -12.58 18.39 -27.24
N LYS C 98 -12.23 19.15 -28.28
CA LYS C 98 -11.82 18.56 -29.54
C LYS C 98 -10.46 17.87 -29.40
N ASP C 99 -10.33 16.70 -30.03
CA ASP C 99 -9.11 15.91 -30.12
C ASP C 99 -8.69 15.33 -28.78
N PHE C 100 -9.51 15.46 -27.73
CA PHE C 100 -9.22 14.88 -26.43
C PHE C 100 -10.25 13.86 -25.99
N MET C 101 -11.53 14.23 -25.94
CA MET C 101 -12.57 13.40 -25.35
C MET C 101 -13.91 14.10 -25.51
N ILE C 102 -14.99 13.36 -25.26
CA ILE C 102 -16.32 13.92 -25.06
C ILE C 102 -16.88 13.35 -23.77
N GLN C 103 -17.42 14.21 -22.91
CA GLN C 103 -17.87 13.83 -21.58
C GLN C 103 -19.32 14.20 -21.39
N GLY C 104 -20.08 13.30 -20.77
CA GLY C 104 -21.48 13.56 -20.49
C GLY C 104 -21.96 12.69 -19.36
N GLY C 105 -23.27 12.57 -19.26
CA GLY C 105 -23.91 11.70 -18.28
C GLY C 105 -24.38 12.38 -17.02
N ASP C 106 -24.27 13.70 -16.90
CA ASP C 106 -24.74 14.40 -15.71
C ASP C 106 -26.20 14.80 -15.92
N PHE C 107 -27.12 14.10 -15.24
CA PHE C 107 -28.54 14.27 -15.43
C PHE C 107 -29.22 15.06 -14.32
N THR C 108 -28.54 15.29 -13.19
CA THR C 108 -29.14 16.07 -12.12
C THR C 108 -29.26 17.54 -12.51
N ARG C 109 -28.18 18.11 -13.04
CA ARG C 109 -28.17 19.46 -13.56
C ARG C 109 -27.31 19.51 -14.82
N GLY C 110 -27.52 20.54 -15.63
CA GLY C 110 -26.85 20.62 -16.91
C GLY C 110 -25.43 21.14 -16.90
N ASP C 111 -24.98 21.75 -15.81
CA ASP C 111 -23.67 22.40 -15.80
C ASP C 111 -22.51 21.43 -15.63
N GLY C 112 -22.78 20.18 -15.26
CA GLY C 112 -21.72 19.21 -15.12
C GLY C 112 -21.09 19.10 -13.75
N THR C 113 -21.82 19.47 -12.69
CA THR C 113 -21.32 19.40 -11.33
C THR C 113 -22.30 18.68 -10.41
N GLY C 114 -22.95 17.65 -10.93
CA GLY C 114 -23.90 16.87 -10.15
C GLY C 114 -23.70 15.40 -10.38
N GLY C 115 -24.81 14.67 -10.54
CA GLY C 115 -24.75 13.25 -10.81
C GLY C 115 -24.74 12.41 -9.55
N LYS C 116 -25.58 11.38 -9.52
CA LYS C 116 -25.63 10.43 -8.42
C LYS C 116 -25.72 9.01 -8.97
N SER C 117 -25.10 8.07 -8.27
CA SER C 117 -25.10 6.68 -8.68
C SER C 117 -26.21 5.93 -7.94
N ILE C 118 -26.27 4.62 -8.15
CA ILE C 118 -27.26 3.82 -7.44
C ILE C 118 -26.74 3.38 -6.07
N TYR C 119 -25.44 3.44 -5.84
CA TYR C 119 -24.85 3.12 -4.53
C TYR C 119 -24.69 4.37 -3.67
N GLY C 120 -25.76 5.12 -3.52
CA GLY C 120 -25.71 6.35 -2.73
C GLY C 120 -25.39 7.55 -3.60
N GLU C 121 -24.26 8.20 -3.33
CA GLU C 121 -23.79 9.32 -4.14
C GLU C 121 -22.48 9.00 -4.85
N ARG C 122 -21.43 8.64 -4.13
CA ARG C 122 -20.15 8.26 -4.68
C ARG C 122 -19.82 6.83 -4.25
N PHE C 123 -18.98 6.16 -5.04
CA PHE C 123 -18.46 4.85 -4.66
C PHE C 123 -17.00 4.74 -5.09
N PRO C 124 -16.21 3.93 -4.40
CA PRO C 124 -14.75 3.95 -4.62
C PRO C 124 -14.34 3.30 -5.94
N ASP C 125 -13.11 3.61 -6.35
CA ASP C 125 -12.52 2.99 -7.53
C ASP C 125 -12.25 1.52 -7.26
N GLU C 126 -12.63 0.66 -8.19
CA GLU C 126 -12.52 -0.79 -7.96
C GLU C 126 -11.12 -1.30 -8.29
N ASN C 127 -10.71 -1.20 -9.55
CA ASN C 127 -9.39 -1.68 -9.95
C ASN C 127 -8.99 -1.04 -11.26
N PHE C 128 -7.71 -0.70 -11.39
CA PHE C 128 -7.15 -0.12 -12.60
C PHE C 128 -6.43 -1.19 -13.43
N LYS C 129 -7.18 -2.23 -13.81
CA LYS C 129 -6.59 -3.31 -14.59
C LYS C 129 -6.40 -2.91 -16.06
N LEU C 130 -7.30 -2.09 -16.59
CA LEU C 130 -7.27 -1.71 -17.99
C LEU C 130 -6.86 -0.25 -18.15
N LYS C 131 -6.29 0.06 -19.30
CA LYS C 131 -5.77 1.38 -19.62
C LYS C 131 -6.51 1.95 -20.82
N HIS C 132 -6.37 3.26 -21.01
CA HIS C 132 -6.96 3.95 -22.15
C HIS C 132 -6.09 3.67 -23.37
N TYR C 133 -6.30 2.50 -23.99
CA TYR C 133 -5.44 2.04 -25.06
C TYR C 133 -5.57 2.87 -26.34
N GLY C 134 -6.63 3.65 -26.50
CA GLY C 134 -6.81 4.44 -27.69
C GLY C 134 -8.20 5.03 -27.81
N PRO C 135 -8.60 5.37 -29.04
CA PRO C 135 -9.92 5.96 -29.25
C PRO C 135 -11.03 4.97 -28.95
N GLY C 136 -12.16 5.50 -28.49
CA GLY C 136 -13.34 4.70 -28.26
C GLY C 136 -13.30 3.82 -27.03
N TRP C 137 -12.62 4.25 -25.98
CA TRP C 137 -12.58 3.53 -24.71
C TRP C 137 -13.26 4.37 -23.65
N VAL C 138 -14.25 3.78 -22.99
CA VAL C 138 -15.07 4.49 -22.01
C VAL C 138 -14.45 4.33 -20.62
N SER C 139 -14.59 5.34 -19.79
CA SER C 139 -14.08 5.30 -18.43
C SER C 139 -14.90 6.25 -17.56
N MET C 140 -14.70 6.15 -16.25
CA MET C 140 -15.48 6.90 -15.27
C MET C 140 -14.71 8.16 -14.89
N ALA C 141 -15.34 9.31 -15.10
CA ALA C 141 -14.75 10.60 -14.74
C ALA C 141 -15.01 10.87 -13.27
N ASN C 142 -13.96 11.27 -12.55
CA ASN C 142 -14.05 11.53 -11.12
C ASN C 142 -13.40 12.88 -10.81
N ALA C 143 -13.82 13.47 -9.70
CA ALA C 143 -13.36 14.79 -9.28
C ALA C 143 -12.45 14.72 -8.06
N GLY C 144 -11.59 13.71 -7.99
CA GLY C 144 -10.72 13.53 -6.85
C GLY C 144 -10.25 12.09 -6.73
N LYS C 145 -10.42 11.51 -5.55
CA LYS C 145 -10.14 10.10 -5.33
C LYS C 145 -11.33 9.47 -4.65
N ASP C 146 -11.80 8.34 -5.18
CA ASP C 146 -12.95 7.61 -4.65
C ASP C 146 -14.21 8.45 -4.73
N THR C 147 -14.42 9.11 -5.88
CA THR C 147 -15.58 9.96 -6.12
C THR C 147 -16.22 9.61 -7.46
N ASN C 148 -16.43 8.33 -7.71
CA ASN C 148 -17.13 7.90 -8.91
C ASN C 148 -18.61 8.24 -8.79
N GLY C 149 -19.15 8.90 -9.80
CA GLY C 149 -20.55 9.29 -9.78
C GLY C 149 -21.34 8.69 -10.91
N SER C 150 -21.81 9.53 -11.83
CA SER C 150 -22.55 9.06 -12.99
C SER C 150 -22.04 9.68 -14.28
N GLN C 151 -20.87 10.32 -14.27
CA GLN C 151 -20.30 10.98 -15.44
C GLN C 151 -19.19 10.12 -16.02
N PHE C 152 -19.25 9.90 -17.33
CA PHE C 152 -18.25 9.14 -18.07
C PHE C 152 -17.69 10.02 -19.18
N PHE C 153 -16.70 9.49 -19.89
CA PHE C 153 -16.21 10.15 -21.10
C PHE C 153 -15.67 9.12 -22.06
N ILE C 154 -15.87 9.37 -23.36
CA ILE C 154 -15.42 8.48 -24.42
C ILE C 154 -14.11 9.04 -24.96
N THR C 155 -13.03 8.30 -24.74
CA THR C 155 -11.71 8.72 -25.19
C THR C 155 -11.63 8.68 -26.71
N THR C 156 -10.91 9.65 -27.28
CA THR C 156 -10.72 9.73 -28.72
C THR C 156 -9.27 9.69 -29.17
N VAL C 157 -8.31 10.01 -28.30
CA VAL C 157 -6.89 9.84 -28.57
C VAL C 157 -6.25 9.17 -27.35
N LYS C 158 -5.16 8.45 -27.59
CA LYS C 158 -4.52 7.67 -26.55
C LYS C 158 -4.03 8.59 -25.42
N THR C 159 -4.69 8.51 -24.26
CA THR C 159 -4.36 9.34 -23.11
C THR C 159 -3.62 8.48 -22.09
N ALA C 160 -2.31 8.36 -22.27
CA ALA C 160 -1.50 7.56 -21.37
C ALA C 160 -1.24 8.23 -20.02
N TRP C 161 -1.53 9.53 -19.89
CA TRP C 161 -1.29 10.21 -18.63
C TRP C 161 -2.44 10.10 -17.65
N LEU C 162 -3.59 9.57 -18.09
CA LEU C 162 -4.72 9.31 -17.21
C LEU C 162 -4.70 7.89 -16.63
N ASP C 163 -3.74 7.07 -17.04
CA ASP C 163 -3.67 5.70 -16.56
C ASP C 163 -3.38 5.66 -15.07
N GLY C 164 -4.10 4.81 -14.36
CA GLY C 164 -3.97 4.70 -12.92
C GLY C 164 -4.76 5.70 -12.12
N LYS C 165 -5.48 6.60 -12.78
CA LYS C 165 -6.33 7.58 -12.10
C LYS C 165 -7.82 7.34 -12.32
N HIS C 166 -8.21 6.94 -13.54
CA HIS C 166 -9.60 6.66 -13.88
C HIS C 166 -9.77 5.17 -14.13
N VAL C 167 -10.98 4.68 -13.90
CA VAL C 167 -11.30 3.26 -14.06
C VAL C 167 -12.01 3.07 -15.39
N VAL C 168 -11.48 2.16 -16.21
CA VAL C 168 -11.99 1.89 -17.56
C VAL C 168 -12.90 0.68 -17.50
N PHE C 169 -14.10 0.81 -18.06
CA PHE C 169 -15.08 -0.27 -17.96
C PHE C 169 -15.78 -0.59 -19.27
N GLY C 170 -15.32 -0.07 -20.41
CA GLY C 170 -16.06 -0.32 -21.64
C GLY C 170 -15.22 -0.07 -22.87
N LYS C 171 -15.88 -0.19 -24.02
CA LYS C 171 -15.25 0.03 -25.31
C LYS C 171 -16.34 0.21 -26.35
N VAL C 172 -16.18 1.21 -27.22
CA VAL C 172 -17.16 1.49 -28.27
C VAL C 172 -17.00 0.45 -29.37
N LEU C 173 -18.02 -0.40 -29.51
CA LEU C 173 -17.97 -1.50 -30.47
C LEU C 173 -18.36 -1.05 -31.87
N GLU C 174 -19.48 -0.34 -31.99
CA GLU C 174 -20.01 0.07 -33.29
C GLU C 174 -20.42 1.53 -33.22
N GLY C 175 -20.33 2.21 -34.36
CA GLY C 175 -20.67 3.62 -34.42
C GLY C 175 -19.54 4.55 -34.10
N MET C 176 -18.28 4.15 -34.34
CA MET C 176 -17.15 5.02 -34.09
C MET C 176 -17.16 6.26 -34.99
N GLU C 177 -17.93 6.23 -36.08
CA GLU C 177 -18.06 7.41 -36.93
C GLU C 177 -19.10 8.40 -36.40
N VAL C 178 -19.91 8.00 -35.43
CA VAL C 178 -20.92 8.90 -34.88
C VAL C 178 -20.36 9.72 -33.73
N VAL C 179 -19.52 9.12 -32.89
CA VAL C 179 -18.87 9.86 -31.81
C VAL C 179 -17.98 10.95 -32.38
N ARG C 180 -17.42 10.75 -33.56
CA ARG C 180 -16.61 11.79 -34.20
C ARG C 180 -17.45 12.85 -34.88
N LYS C 181 -18.76 12.64 -35.00
CA LYS C 181 -19.64 13.70 -35.51
C LYS C 181 -19.86 14.77 -34.44
N VAL C 182 -20.07 14.36 -33.19
CA VAL C 182 -20.34 15.33 -32.13
C VAL C 182 -19.08 16.12 -31.80
N GLU C 183 -17.90 15.51 -31.95
CA GLU C 183 -16.65 16.17 -31.56
C GLU C 183 -16.34 17.38 -32.41
N SER C 184 -16.77 17.41 -33.67
CA SER C 184 -16.44 18.48 -34.60
C SER C 184 -17.57 19.49 -34.71
N THR C 185 -18.28 19.73 -33.61
CA THR C 185 -19.32 20.74 -33.56
C THR C 185 -18.77 22.02 -32.95
N LYS C 186 -19.40 23.14 -33.32
CA LYS C 186 -18.95 24.45 -32.86
C LYS C 186 -19.17 24.57 -31.36
N THR C 187 -18.12 24.96 -30.64
CA THR C 187 -18.15 25.07 -29.19
C THR C 187 -17.60 26.41 -28.75
N ASP C 188 -18.10 26.90 -27.62
CA ASP C 188 -17.69 28.19 -27.08
C ASP C 188 -16.47 28.00 -26.18
N SER C 189 -16.12 29.04 -25.42
CA SER C 189 -14.93 29.01 -24.58
C SER C 189 -15.05 28.04 -23.42
N ARG C 190 -16.26 27.78 -22.93
CA ARG C 190 -16.46 26.86 -21.81
C ARG C 190 -16.58 25.41 -22.26
N ASP C 191 -16.30 25.13 -23.54
CA ASP C 191 -16.32 23.80 -24.13
C ASP C 191 -17.72 23.20 -24.22
N LYS C 192 -18.75 23.95 -23.83
CA LYS C 192 -20.12 23.51 -24.04
C LYS C 192 -20.49 23.68 -25.52
N PRO C 193 -21.06 22.66 -26.15
CA PRO C 193 -21.45 22.80 -27.55
C PRO C 193 -22.54 23.86 -27.70
N LEU C 194 -22.47 24.61 -28.80
CA LEU C 194 -23.49 25.61 -29.08
C LEU C 194 -24.82 24.94 -29.37
N LYS C 195 -24.80 23.82 -30.09
CA LYS C 195 -26.00 23.05 -30.38
C LYS C 195 -26.08 21.90 -29.37
N ASP C 196 -27.24 21.74 -28.75
CA ASP C 196 -27.39 20.74 -27.69
C ASP C 196 -27.29 19.33 -28.25
N VAL C 197 -26.72 18.44 -27.44
CA VAL C 197 -26.63 17.02 -27.77
C VAL C 197 -27.50 16.26 -26.78
N ILE C 198 -28.47 15.49 -27.29
CA ILE C 198 -29.48 14.86 -26.48
C ILE C 198 -29.46 13.35 -26.74
N ILE C 199 -29.41 12.56 -25.67
CA ILE C 199 -29.52 11.11 -25.77
C ILE C 199 -31.00 10.76 -25.83
N ALA C 200 -31.52 10.55 -27.04
CA ALA C 200 -32.95 10.30 -27.20
C ALA C 200 -33.36 8.99 -26.54
N ASP C 201 -32.67 7.90 -26.87
CA ASP C 201 -33.00 6.58 -26.34
C ASP C 201 -31.75 5.93 -25.77
N CYS C 202 -31.95 4.98 -24.86
CA CYS C 202 -30.86 4.20 -24.30
C CYS C 202 -31.44 2.94 -23.71
N GLY C 203 -30.92 1.78 -24.11
CA GLY C 203 -31.43 0.51 -23.64
C GLY C 203 -30.36 -0.47 -23.25
N LYS C 204 -30.60 -1.75 -23.50
CA LYS C 204 -29.65 -2.80 -23.11
C LYS C 204 -29.92 -4.04 -23.94
N ILE C 205 -28.85 -4.61 -24.51
CA ILE C 205 -28.93 -5.83 -25.30
C ILE C 205 -28.20 -6.94 -24.55
N GLU C 206 -28.86 -8.07 -24.37
CA GLU C 206 -28.24 -9.20 -23.70
C GLU C 206 -27.24 -9.88 -24.64
N VAL C 207 -26.20 -10.47 -24.03
CA VAL C 207 -25.18 -11.20 -24.76
C VAL C 207 -25.25 -12.66 -24.33
N GLU C 208 -25.47 -13.56 -25.28
CA GLU C 208 -25.63 -14.97 -24.98
C GLU C 208 -24.31 -15.68 -24.69
N LYS C 209 -23.19 -15.13 -25.17
CA LYS C 209 -21.90 -15.80 -25.00
C LYS C 209 -20.79 -14.76 -24.90
N PRO C 210 -20.14 -14.62 -23.74
CA PRO C 210 -19.09 -13.62 -23.59
C PRO C 210 -17.92 -13.88 -24.53
N PHE C 211 -17.66 -12.90 -25.40
CA PHE C 211 -16.58 -12.98 -26.38
C PHE C 211 -15.53 -11.92 -26.09
N ALA C 212 -14.27 -12.32 -26.15
CA ALA C 212 -13.17 -11.41 -25.86
C ALA C 212 -12.94 -10.45 -27.02
N ILE C 213 -12.33 -9.31 -26.71
CA ILE C 213 -11.93 -8.31 -27.70
C ILE C 213 -10.47 -7.96 -27.47
N ALA C 214 -9.91 -7.22 -28.43
CA ALA C 214 -8.50 -6.87 -28.43
C ALA C 214 -8.28 -5.48 -27.84
N LYS C 215 -7.10 -5.27 -27.27
CA LYS C 215 -6.74 -4.02 -26.62
C LYS C 215 -5.98 -3.11 -27.59
N GLU C 216 -6.60 -2.78 -28.71
CA GLU C 216 -5.90 -2.04 -29.76
C GLU C 216 -6.44 -0.63 -29.97
N ALA C 217 -7.71 -0.48 -30.37
CA ALA C 217 -8.27 0.82 -30.69
C ALA C 217 -9.73 0.62 -31.10
N ALA C 218 -10.40 1.74 -31.32
CA ALA C 218 -11.78 1.75 -31.84
C ALA C 218 -12.72 0.92 -31.00
#